data_2YMZ
#
_entry.id   2YMZ
#
_cell.length_a   65.853
_cell.length_b   90.700
_cell.length_c   151.657
_cell.angle_alpha   90.00
_cell.angle_beta   90.00
_cell.angle_gamma   90.00
#
_symmetry.space_group_name_H-M   'P 21 21 21'
#
loop_
_entity.id
_entity.type
_entity.pdbx_description
1 polymer 'GALECTIN 2'
2 branched beta-D-galactopyranose-(1-4)-beta-D-glucopyranose
3 non-polymer 'SULFATE ION'
4 water water
#
_entity_poly.entity_id   1
_entity_poly.type   'polypeptide(L)'
_entity_poly.pdbx_seq_one_letter_code
;ARMFEMFNLDWKSGGTMKIKGHISEDAESFAINLGCKSSDLALHFNPRFNESVIVCNSLCSDNWQQEQRDKHFNFYKGST
VKIIVEFLGDKFLVKLPDGHEVEFPNRHGYDKISYLNILGGFKVTSFKVE
;
_entity_poly.pdbx_strand_id   A,B,C,D,E,F
#
# COMPACT_ATOMS: atom_id res chain seq x y z
N ALA A 1 19.50 22.05 -6.08
CA ALA A 1 18.63 23.01 -5.34
C ALA A 1 17.68 22.24 -4.41
N ARG A 2 17.00 23.04 -3.57
CA ARG A 2 15.89 22.65 -2.64
C ARG A 2 14.69 21.98 -3.33
N MET A 3 14.53 20.70 -3.11
CA MET A 3 13.45 20.04 -3.78
C MET A 3 12.18 20.16 -2.86
N PHE A 4 12.36 19.81 -1.58
CA PHE A 4 11.28 19.43 -0.71
C PHE A 4 11.68 20.00 0.67
N GLU A 5 10.77 20.64 1.37
CA GLU A 5 11.12 21.05 2.73
C GLU A 5 9.84 20.87 3.56
N MET A 6 10.02 20.36 4.76
CA MET A 6 8.85 20.16 5.65
C MET A 6 9.24 20.65 7.06
N PHE A 7 8.29 21.30 7.75
CA PHE A 7 8.55 21.94 9.04
C PHE A 7 7.59 21.30 10.08
N ASN A 8 7.86 21.47 11.35
CA ASN A 8 6.84 20.93 12.29
C ASN A 8 6.52 19.44 12.14
N LEU A 9 7.51 18.65 11.70
CA LEU A 9 7.33 17.22 11.79
C LEU A 9 7.34 17.12 13.33
N ASP A 10 6.97 15.99 13.80
CA ASP A 10 6.97 15.88 15.22
C ASP A 10 7.46 14.49 15.25
N TRP A 11 8.65 14.26 14.64
CA TRP A 11 9.11 12.90 14.47
C TRP A 11 9.96 12.49 15.66
N LYS A 12 9.58 11.38 16.29
CA LYS A 12 10.21 10.97 17.56
C LYS A 12 10.78 9.59 17.49
N SER A 13 11.47 9.25 18.57
CA SER A 13 12.10 8.01 18.60
C SER A 13 11.10 6.86 18.41
N GLY A 14 11.50 5.83 17.69
CA GLY A 14 10.56 4.80 17.22
C GLY A 14 9.95 5.13 15.82
N GLY A 15 10.10 6.39 15.41
CA GLY A 15 9.59 6.89 14.10
C GLY A 15 10.20 6.18 12.89
N THR A 16 9.46 6.10 11.77
CA THR A 16 9.96 5.46 10.54
C THR A 16 9.57 6.48 9.48
N MET A 17 10.44 6.73 8.50
CA MET A 17 10.12 7.62 7.38
C MET A 17 10.50 6.88 6.10
N LYS A 18 9.60 6.90 5.11
CA LYS A 18 9.77 6.17 3.85
C LYS A 18 9.80 7.24 2.78
N ILE A 19 10.93 7.30 2.04
CA ILE A 19 11.10 8.33 1.04
C ILE A 19 11.35 7.58 -0.27
N LYS A 20 10.53 7.77 -1.27
CA LYS A 20 10.80 7.18 -2.58
C LYS A 20 10.92 8.25 -3.52
N GLY A 21 11.79 8.10 -4.52
CA GLY A 21 11.87 9.16 -5.49
C GLY A 21 12.80 8.81 -6.62
N HIS A 22 12.82 9.72 -7.58
CA HIS A 22 13.61 9.52 -8.81
C HIS A 22 14.99 10.24 -8.75
N ILE A 23 16.06 9.48 -9.01
CA ILE A 23 17.42 10.09 -9.04
C ILE A 23 17.60 10.55 -10.48
N SER A 24 17.99 11.81 -10.64
CA SER A 24 18.15 12.44 -11.96
C SER A 24 19.20 11.63 -12.76
N GLU A 25 19.00 11.58 -14.08
CA GLU A 25 19.93 10.87 -14.97
C GLU A 25 21.32 11.52 -14.89
N ASP A 26 21.30 12.81 -14.61
CA ASP A 26 22.53 13.63 -14.50
C ASP A 26 22.93 13.93 -13.05
N ALA A 27 22.32 13.26 -12.06
CA ALA A 27 22.68 13.54 -10.67
C ALA A 27 24.12 13.35 -10.42
N GLU A 28 24.73 14.24 -9.60
CA GLU A 28 26.00 13.86 -9.02
C GLU A 28 25.82 13.51 -7.56
N SER A 29 24.74 14.02 -6.91
CA SER A 29 24.53 13.62 -5.52
C SER A 29 23.11 14.05 -5.11
N PHE A 30 22.63 13.58 -3.94
CA PHE A 30 21.39 14.15 -3.43
C PHE A 30 21.55 14.04 -1.89
N ALA A 31 20.69 14.75 -1.13
CA ALA A 31 20.84 14.64 0.31
C ALA A 31 19.43 14.68 0.96
N ILE A 32 19.32 13.93 2.01
CA ILE A 32 18.09 13.90 2.83
C ILE A 32 18.65 14.45 4.16
N ASN A 33 18.07 15.58 4.60
CA ASN A 33 18.55 16.30 5.82
C ASN A 33 17.41 16.34 6.88
N LEU A 34 17.70 15.89 8.08
CA LEU A 34 16.69 15.76 9.15
C LEU A 34 17.26 16.49 10.37
N GLY A 35 16.46 17.42 10.92
CA GLY A 35 16.98 18.05 12.14
C GLY A 35 15.95 18.96 12.74
N CYS A 36 16.42 20.08 13.25
CA CYS A 36 15.42 20.99 13.78
C CYS A 36 15.23 22.26 12.99
N LYS A 37 16.13 22.56 12.03
CA LYS A 37 15.97 23.63 11.06
C LYS A 37 17.11 23.50 10.05
N SER A 38 17.18 24.36 9.03
CA SER A 38 18.18 24.11 8.01
C SER A 38 19.61 24.11 8.53
N SER A 39 19.87 24.85 9.61
CA SER A 39 21.24 25.02 10.13
C SER A 39 21.61 24.06 11.27
N ASP A 40 20.68 23.21 11.67
CA ASP A 40 20.88 22.28 12.74
C ASP A 40 20.32 20.91 12.33
N LEU A 41 21.19 19.98 11.92
CA LEU A 41 20.76 18.68 11.40
C LEU A 41 21.31 17.52 12.18
N ALA A 42 20.43 16.62 12.60
CA ALA A 42 20.81 15.35 13.18
C ALA A 42 21.42 14.40 12.15
N LEU A 43 20.91 14.45 10.91
CA LEU A 43 21.32 13.45 9.91
C LEU A 43 21.35 14.18 8.58
N HIS A 44 22.53 14.22 7.94
CA HIS A 44 22.60 14.61 6.55
C HIS A 44 23.09 13.36 5.84
N PHE A 45 22.24 12.75 5.03
CA PHE A 45 22.50 11.45 4.38
C PHE A 45 22.70 11.85 2.94
N ASN A 46 23.93 11.63 2.43
CA ASN A 46 24.24 12.24 1.18
C ASN A 46 25.02 11.25 0.25
N PRO A 47 24.27 10.48 -0.57
CA PRO A 47 24.97 9.63 -1.53
C PRO A 47 25.66 10.48 -2.58
N ARG A 48 26.92 10.16 -2.83
CA ARG A 48 27.73 10.94 -3.78
C ARG A 48 28.22 9.99 -4.89
N PHE A 49 27.80 10.29 -6.10
CA PHE A 49 28.02 9.35 -7.22
C PHE A 49 29.49 9.44 -7.66
N ASN A 50 30.11 10.61 -7.51
CA ASN A 50 31.50 10.78 -8.09
C ASN A 50 32.47 9.88 -7.36
N GLU A 51 32.33 9.83 -6.03
CA GLU A 51 33.22 9.04 -5.22
C GLU A 51 32.62 7.68 -4.84
N SER A 52 31.40 7.44 -5.32
CA SER A 52 30.68 6.17 -5.07
C SER A 52 30.65 5.85 -3.56
N VAL A 53 30.12 6.78 -2.74
CA VAL A 53 30.17 6.57 -1.29
C VAL A 53 28.90 7.29 -0.70
N ILE A 54 28.41 6.76 0.44
CA ILE A 54 27.34 7.48 1.11
C ILE A 54 28.01 8.21 2.26
N VAL A 55 27.85 9.50 2.31
CA VAL A 55 28.43 10.27 3.40
C VAL A 55 27.28 10.68 4.32
N CYS A 56 27.46 10.42 5.60
CA CYS A 56 26.54 10.95 6.62
C CYS A 56 27.29 11.94 7.49
N ASN A 57 26.57 12.95 7.90
CA ASN A 57 27.19 13.93 8.85
C ASN A 57 26.07 14.62 9.68
N SER A 58 26.49 15.42 10.67
CA SER A 58 25.51 16.28 11.40
C SER A 58 26.01 17.72 11.26
N LEU A 59 25.12 18.70 11.47
CA LEU A 59 25.36 20.11 11.23
C LEU A 59 24.91 20.76 12.54
N CYS A 60 25.75 21.62 13.13
CA CYS A 60 25.46 22.25 14.46
CA CYS A 60 25.45 22.30 14.41
C CYS A 60 25.73 23.74 14.28
N SER A 61 24.67 24.55 14.32
CA SER A 61 24.70 25.97 14.02
C SER A 61 25.46 26.27 12.74
N ASP A 62 25.09 25.54 11.69
CA ASP A 62 25.73 25.68 10.37
C ASP A 62 27.22 25.29 10.32
N ASN A 63 27.74 24.65 11.38
CA ASN A 63 29.07 23.95 11.40
C ASN A 63 28.97 22.45 11.14
N TRP A 64 29.55 21.99 10.02
CA TRP A 64 29.62 20.54 9.77
C TRP A 64 30.55 19.82 10.73
N GLN A 65 30.13 18.66 11.21
CA GLN A 65 30.90 17.85 12.14
C GLN A 65 31.74 16.85 11.39
N GLN A 66 32.14 15.82 12.06
CA GLN A 66 32.95 14.74 11.45
C GLN A 66 32.07 13.74 10.68
N GLU A 67 32.36 13.55 9.38
CA GLU A 67 31.51 12.68 8.54
C GLU A 67 31.83 11.19 8.68
N GLN A 68 30.85 10.33 8.31
CA GLN A 68 31.04 8.90 8.25
C GLN A 68 30.82 8.53 6.83
N ARG A 69 31.63 7.58 6.30
CA ARG A 69 31.56 7.22 4.91
C ARG A 69 31.22 5.72 4.84
N ASP A 70 30.24 5.40 4.03
CA ASP A 70 29.89 3.98 3.76
C ASP A 70 30.05 3.70 2.26
N LYS A 71 30.92 2.73 1.94
CA LYS A 71 31.30 2.47 0.56
C LYS A 71 30.35 1.47 -0.12
N HIS A 72 29.32 1.06 0.63
CA HIS A 72 28.30 0.13 0.08
C HIS A 72 27.33 1.00 -0.71
N PHE A 73 27.57 1.13 -2.01
CA PHE A 73 26.90 2.18 -2.81
C PHE A 73 26.28 1.52 -4.03
N ASN A 74 25.02 1.29 -3.93
CA ASN A 74 24.25 0.66 -5.01
C ASN A 74 23.11 1.60 -5.34
N PHE A 75 23.48 2.76 -5.84
CA PHE A 75 22.47 3.70 -6.27
C PHE A 75 22.79 3.87 -7.68
N TYR A 76 21.79 4.15 -8.45
CA TYR A 76 21.95 4.31 -9.90
C TYR A 76 21.31 5.54 -10.42
N LYS A 77 22.00 6.27 -11.28
CA LYS A 77 21.39 7.48 -11.82
C LYS A 77 20.23 7.15 -12.72
N GLY A 78 19.19 7.98 -12.69
CA GLY A 78 18.01 7.70 -13.52
C GLY A 78 17.00 6.69 -12.95
N SER A 79 17.11 6.29 -11.69
CA SER A 79 16.30 5.16 -11.23
C SER A 79 15.33 5.70 -10.19
N THR A 80 14.36 4.88 -9.82
CA THR A 80 13.44 5.26 -8.70
C THR A 80 13.82 4.39 -7.55
N VAL A 81 14.02 4.97 -6.36
CA VAL A 81 14.53 4.21 -5.22
C VAL A 81 13.72 4.51 -3.98
N LYS A 82 13.68 3.53 -3.07
CA LYS A 82 13.01 3.70 -1.81
C LYS A 82 14.04 3.70 -0.70
N ILE A 83 14.05 4.73 0.14
CA ILE A 83 14.99 4.85 1.29
C ILE A 83 14.11 4.84 2.60
N ILE A 84 14.47 4.05 3.59
CA ILE A 84 13.68 4.06 4.83
C ILE A 84 14.60 4.56 5.95
N VAL A 85 14.18 5.56 6.71
CA VAL A 85 14.98 6.08 7.83
C VAL A 85 14.21 5.71 9.10
N GLU A 86 14.95 5.24 10.12
CA GLU A 86 14.32 5.00 11.43
C GLU A 86 15.05 5.73 12.50
N PHE A 87 14.25 6.34 13.41
CA PHE A 87 14.76 7.15 14.47
C PHE A 87 14.84 6.18 15.67
N LEU A 88 16.03 5.68 15.96
CA LEU A 88 16.15 4.63 16.95
C LEU A 88 16.88 5.12 18.22
N GLY A 89 16.33 6.14 18.88
CA GLY A 89 16.90 6.60 20.13
C GLY A 89 18.25 7.23 19.91
N ASP A 90 19.31 6.46 20.19
CA ASP A 90 20.69 6.97 20.14
CA ASP A 90 20.67 6.98 20.12
C ASP A 90 21.29 6.90 18.73
N LYS A 91 20.52 6.43 17.77
CA LYS A 91 21.03 6.37 16.41
C LYS A 91 19.91 6.44 15.40
N PHE A 92 20.33 6.78 14.19
CA PHE A 92 19.48 6.68 12.99
C PHE A 92 19.90 5.48 12.17
N LEU A 93 18.92 4.82 11.58
CA LEU A 93 19.29 3.73 10.79
C LEU A 93 18.65 4.04 9.41
N VAL A 94 19.41 3.92 8.32
CA VAL A 94 18.87 4.13 6.98
C VAL A 94 18.91 2.79 6.24
N LYS A 95 17.75 2.29 5.84
CA LYS A 95 17.76 1.00 5.09
C LYS A 95 17.70 1.26 3.61
N LEU A 96 18.62 0.64 2.90
CA LEU A 96 18.73 0.87 1.46
C LEU A 96 18.02 -0.24 0.70
N PRO A 97 17.75 -0.01 -0.58
CA PRO A 97 17.00 -1.03 -1.41
C PRO A 97 17.61 -2.42 -1.39
N ASP A 98 18.94 -2.50 -1.48
CA ASP A 98 19.60 -3.82 -1.40
C ASP A 98 19.57 -4.47 0.00
N GLY A 99 18.97 -3.82 0.99
CA GLY A 99 18.95 -4.38 2.35
C GLY A 99 20.14 -3.97 3.23
N HIS A 100 21.19 -3.38 2.66
CA HIS A 100 22.21 -2.78 3.49
C HIS A 100 21.63 -1.68 4.43
N GLU A 101 22.17 -1.58 5.64
CA GLU A 101 21.77 -0.57 6.62
C GLU A 101 22.93 0.34 6.91
N VAL A 102 22.68 1.64 6.79
CA VAL A 102 23.64 2.63 7.22
C VAL A 102 23.21 3.11 8.58
N GLU A 103 24.13 2.99 9.55
CA GLU A 103 23.85 3.45 10.88
C GLU A 103 24.61 4.78 11.18
N PHE A 104 23.97 5.73 11.79
CA PHE A 104 24.60 7.01 12.15
C PHE A 104 24.18 7.46 13.55
N PRO A 105 25.17 7.84 14.40
CA PRO A 105 24.82 8.19 15.79
C PRO A 105 24.00 9.44 15.89
N ASN A 106 23.05 9.40 16.83
CA ASN A 106 22.31 10.60 17.21
C ASN A 106 23.17 11.35 18.17
N ARG A 107 24.23 11.97 17.64
CA ARG A 107 25.28 12.62 18.41
C ARG A 107 24.81 13.66 19.37
N HIS A 108 23.84 14.48 18.95
CA HIS A 108 23.50 15.62 19.74
C HIS A 108 22.27 15.36 20.59
N GLY A 109 21.82 14.11 20.59
CA GLY A 109 20.75 13.72 21.51
C GLY A 109 19.38 14.29 21.21
N TYR A 110 19.09 14.61 19.94
CA TYR A 110 17.72 15.02 19.57
C TYR A 110 16.69 14.06 20.13
N ASP A 111 15.59 14.60 20.65
CA ASP A 111 14.51 13.68 20.98
C ASP A 111 13.36 13.79 20.00
N LYS A 112 13.37 14.86 19.21
CA LYS A 112 12.32 15.11 18.25
C LYS A 112 13.00 15.74 17.02
N ILE A 113 12.59 15.31 15.86
CA ILE A 113 13.05 15.90 14.61
C ILE A 113 11.85 16.70 14.07
N SER A 114 12.04 17.97 13.84
CA SER A 114 10.94 18.74 13.32
C SER A 114 11.10 19.21 11.89
N TYR A 115 12.29 19.06 11.32
CA TYR A 115 12.51 19.64 10.05
C TYR A 115 13.15 18.58 9.09
N LEU A 116 12.68 18.60 7.82
CA LEU A 116 13.28 17.75 6.77
C LEU A 116 13.51 18.60 5.50
N ASN A 117 14.63 18.37 4.79
CA ASN A 117 14.65 18.89 3.45
C ASN A 117 15.38 17.83 2.59
N ILE A 118 15.05 17.85 1.30
CA ILE A 118 15.72 16.93 0.38
C ILE A 118 16.28 17.84 -0.69
N LEU A 119 17.56 17.68 -1.04
CA LEU A 119 18.23 18.61 -1.97
C LEU A 119 18.95 17.78 -3.04
N GLY A 120 19.18 18.38 -4.20
CA GLY A 120 20.11 17.72 -5.16
C GLY A 120 19.28 16.95 -6.17
N GLY A 121 19.82 15.88 -6.75
CA GLY A 121 19.17 15.30 -7.94
C GLY A 121 18.26 14.18 -7.53
N PHE A 122 17.22 14.49 -6.74
CA PHE A 122 16.30 13.51 -6.24
C PHE A 122 14.91 14.19 -6.21
N LYS A 123 13.96 13.65 -6.99
CA LYS A 123 12.61 14.21 -7.05
C LYS A 123 11.72 13.26 -6.24
N VAL A 124 11.13 13.73 -5.13
CA VAL A 124 10.32 12.86 -4.29
C VAL A 124 9.03 12.44 -5.00
N THR A 125 8.77 11.15 -5.07
CA THR A 125 7.46 10.69 -5.54
C THR A 125 6.53 10.13 -4.47
N SER A 126 7.06 9.66 -3.35
CA SER A 126 6.17 9.19 -2.24
C SER A 126 6.91 9.53 -0.94
N PHE A 127 6.18 9.91 0.11
CA PHE A 127 6.79 10.20 1.41
C PHE A 127 5.79 9.69 2.44
N LYS A 128 6.29 9.01 3.47
CA LYS A 128 5.36 8.61 4.52
C LYS A 128 6.12 8.69 5.81
N VAL A 129 5.47 9.20 6.87
CA VAL A 129 6.16 9.28 8.17
C VAL A 129 5.16 8.78 9.25
N GLU A 130 5.69 8.04 10.21
CA GLU A 130 4.86 7.59 11.36
C GLU A 130 5.74 7.50 12.57
N ALA B 1 3.50 29.01 9.77
CA ALA B 1 2.25 28.51 9.14
C ALA B 1 2.65 27.61 7.99
N ARG B 2 3.79 27.83 7.30
CA ARG B 2 4.25 26.89 6.19
C ARG B 2 4.65 25.50 6.72
N MET B 3 4.04 24.43 6.22
CA MET B 3 4.26 23.18 6.83
C MET B 3 5.10 22.31 5.81
N PHE B 4 4.86 22.51 4.52
CA PHE B 4 5.37 21.53 3.54
C PHE B 4 5.55 22.37 2.27
N GLU B 5 6.70 22.26 1.58
CA GLU B 5 6.76 23.03 0.29
C GLU B 5 7.63 22.19 -0.65
N MET B 6 7.19 22.10 -1.91
CA MET B 6 7.93 21.37 -2.91
CA MET B 6 7.94 21.35 -2.92
C MET B 6 8.04 22.19 -4.17
N PHE B 7 9.19 22.09 -4.83
CA PHE B 7 9.45 22.83 -6.03
C PHE B 7 9.78 21.80 -7.11
N ASN B 8 9.87 22.21 -8.35
CA ASN B 8 10.21 21.18 -9.36
C ASN B 8 9.36 19.90 -9.38
N LEU B 9 8.07 19.98 -9.03
CA LEU B 9 7.12 18.83 -9.12
C LEU B 9 6.98 18.15 -10.47
N ASP B 10 7.04 18.93 -11.52
CA ASP B 10 6.74 18.39 -12.87
C ASP B 10 5.47 17.54 -12.94
N TRP B 11 4.39 18.05 -12.39
CA TRP B 11 3.15 17.31 -12.35
C TRP B 11 2.27 17.77 -13.51
N LYS B 12 1.79 16.81 -14.26
CA LYS B 12 1.18 17.17 -15.57
C LYS B 12 -0.22 16.61 -15.68
N SER B 13 -1.00 17.08 -16.65
CA SER B 13 -2.40 16.62 -16.72
C SER B 13 -2.43 15.13 -16.92
N GLY B 14 -3.44 14.56 -16.32
CA GLY B 14 -3.61 13.17 -16.11
C GLY B 14 -2.97 12.63 -14.80
N GLY B 15 -2.28 13.52 -14.07
CA GLY B 15 -1.61 13.13 -12.82
C GLY B 15 -2.56 13.09 -11.63
N THR B 16 -2.12 12.37 -10.58
CA THR B 16 -2.89 12.14 -9.39
C THR B 16 -1.94 12.46 -8.22
N MET B 17 -2.48 13.11 -7.19
CA MET B 17 -1.64 13.41 -5.99
C MET B 17 -2.48 12.94 -4.78
N LYS B 18 -1.86 12.27 -3.82
CA LYS B 18 -2.54 11.87 -2.65
C LYS B 18 -1.84 12.66 -1.51
N ILE B 19 -2.64 13.29 -0.67
CA ILE B 19 -2.09 14.05 0.45
C ILE B 19 -2.89 13.54 1.66
N LYS B 20 -2.25 12.85 2.59
CA LYS B 20 -2.98 12.39 3.78
C LYS B 20 -2.24 12.98 4.97
N GLY B 21 -2.97 13.39 5.99
CA GLY B 21 -2.24 13.99 7.09
C GLY B 21 -3.16 14.26 8.25
N HIS B 22 -2.61 14.87 9.28
CA HIS B 22 -3.31 14.98 10.59
C HIS B 22 -3.68 16.44 10.76
N ILE B 23 -4.97 16.68 10.94
CA ILE B 23 -5.47 18.04 11.21
C ILE B 23 -5.27 18.32 12.70
N SER B 24 -4.62 19.46 13.01
CA SER B 24 -4.18 19.79 14.39
C SER B 24 -5.45 19.82 15.24
N GLU B 25 -5.33 19.48 16.52
CA GLU B 25 -6.48 19.54 17.44
C GLU B 25 -7.05 20.94 17.56
N ASP B 26 -6.16 21.91 17.37
CA ASP B 26 -6.50 23.33 17.52
C ASP B 26 -6.51 24.02 16.21
N ALA B 27 -6.60 23.28 15.11
CA ALA B 27 -6.59 23.92 13.80
C ALA B 27 -7.73 24.92 13.64
N GLU B 28 -7.45 26.02 12.97
CA GLU B 28 -8.50 26.88 12.46
C GLU B 28 -8.69 26.66 10.97
N SER B 29 -7.62 26.35 10.21
CA SER B 29 -7.85 26.11 8.77
C SER B 29 -6.58 25.44 8.29
N PHE B 30 -6.63 24.94 7.08
CA PHE B 30 -5.34 24.60 6.44
C PHE B 30 -5.56 24.87 4.95
N ALA B 31 -4.46 24.90 4.21
CA ALA B 31 -4.58 25.11 2.80
C ALA B 31 -3.57 24.25 2.03
N ILE B 32 -4.03 23.72 0.89
CA ILE B 32 -3.19 23.01 -0.06
C ILE B 32 -3.16 23.91 -1.29
N ASN B 33 -1.96 24.32 -1.68
CA ASN B 33 -1.77 25.26 -2.77
C ASN B 33 -0.88 24.65 -3.81
N LEU B 34 -1.37 24.72 -5.05
CA LEU B 34 -0.64 24.08 -6.17
C LEU B 34 -0.54 25.09 -7.32
N GLY B 35 0.64 25.22 -7.92
CA GLY B 35 0.73 26.20 -9.03
C GLY B 35 2.15 26.15 -9.64
N CYS B 36 2.56 27.34 -10.05
CA CYS B 36 3.89 27.56 -10.65
CA CYS B 36 3.85 27.61 -10.69
C CYS B 36 4.90 28.09 -9.64
N LYS B 37 4.43 28.82 -8.65
CA LYS B 37 5.28 29.40 -7.58
C LYS B 37 4.31 29.91 -6.53
N SER B 38 4.84 30.42 -5.41
CA SER B 38 3.95 30.76 -4.27
C SER B 38 2.92 31.83 -4.65
N SER B 39 3.19 32.59 -5.72
CA SER B 39 2.38 33.74 -6.14
C SER B 39 1.45 33.48 -7.32
N ASP B 40 1.52 32.27 -7.88
CA ASP B 40 0.74 31.93 -9.02
C ASP B 40 0.25 30.52 -8.76
N LEU B 41 -0.99 30.44 -8.28
CA LEU B 41 -1.56 29.15 -7.86
C LEU B 41 -2.71 28.78 -8.76
N ALA B 42 -2.67 27.59 -9.31
CA ALA B 42 -3.81 27.01 -10.00
C ALA B 42 -4.95 26.63 -9.03
N LEU B 43 -4.57 26.20 -7.82
CA LEU B 43 -5.59 25.68 -6.88
C LEU B 43 -5.12 26.06 -5.49
N HIS B 44 -6.01 26.73 -4.75
CA HIS B 44 -5.85 26.98 -3.33
C HIS B 44 -7.08 26.33 -2.71
N PHE B 45 -6.88 25.26 -1.95
CA PHE B 45 -7.98 24.45 -1.38
C PHE B 45 -7.84 24.68 0.13
N ASN B 46 -8.84 25.37 0.72
CA ASN B 46 -8.73 25.88 2.08
C ASN B 46 -9.97 25.60 2.91
N PRO B 47 -9.96 24.45 3.61
CA PRO B 47 -11.04 24.20 4.59
C PRO B 47 -10.85 25.13 5.82
N ARG B 48 -11.95 25.73 6.29
CA ARG B 48 -11.85 26.73 7.42
C ARG B 48 -12.81 26.28 8.51
N PHE B 49 -12.25 25.93 9.67
CA PHE B 49 -13.08 25.45 10.82
C PHE B 49 -13.89 26.60 11.40
N ASN B 50 -13.44 27.81 11.19
CA ASN B 50 -14.21 28.96 11.73
C ASN B 50 -15.42 29.41 10.91
N GLU B 51 -15.64 28.77 9.75
CA GLU B 51 -16.69 29.05 8.83
C GLU B 51 -17.37 27.74 8.43
N SER B 52 -16.79 26.58 8.80
CA SER B 52 -17.34 25.29 8.23
C SER B 52 -17.62 25.36 6.74
N VAL B 53 -16.63 25.82 5.97
CA VAL B 53 -16.77 25.85 4.49
C VAL B 53 -15.37 25.56 3.93
N ILE B 54 -15.35 25.00 2.74
CA ILE B 54 -14.07 24.91 2.00
C ILE B 54 -14.05 26.06 1.02
N VAL B 55 -13.07 26.94 1.15
CA VAL B 55 -12.84 27.99 0.13
C VAL B 55 -11.82 27.53 -0.90
N CYS B 56 -12.15 27.66 -2.22
CA CYS B 56 -11.23 27.36 -3.27
C CYS B 56 -11.06 28.61 -4.04
N ASN B 57 -9.87 28.79 -4.59
CA ASN B 57 -9.61 29.92 -5.46
C ASN B 57 -8.35 29.67 -6.21
N SER B 58 -8.01 30.60 -7.10
CA SER B 58 -6.72 30.61 -7.73
C SER B 58 -6.07 31.96 -7.49
N LEU B 59 -4.77 32.01 -7.72
CA LEU B 59 -3.96 33.21 -7.37
C LEU B 59 -3.15 33.56 -8.62
N CYS B 60 -3.26 34.83 -9.05
CA CYS B 60 -2.63 35.26 -10.31
C CYS B 60 -1.71 36.47 -9.92
N SER B 61 -0.42 36.22 -9.85
CA SER B 61 0.54 37.24 -9.37
C SER B 61 0.18 37.89 -8.03
N ASP B 62 -0.20 37.08 -7.04
CA ASP B 62 -0.60 37.55 -5.70
C ASP B 62 -1.98 38.22 -5.62
N ASN B 63 -2.71 38.17 -6.73
CA ASN B 63 -4.11 38.52 -6.79
C ASN B 63 -5.00 37.26 -6.77
N TRP B 64 -5.91 37.20 -5.81
CA TRP B 64 -6.92 36.16 -5.71
C TRP B 64 -7.96 36.38 -6.80
N GLN B 65 -8.45 35.29 -7.38
CA GLN B 65 -9.46 35.39 -8.41
C GLN B 65 -10.81 35.26 -7.72
N GLN B 66 -11.83 34.74 -8.40
CA GLN B 66 -13.14 34.55 -7.78
C GLN B 66 -13.19 33.29 -6.90
N GLU B 67 -13.52 33.45 -5.62
CA GLU B 67 -13.72 32.30 -4.70
C GLU B 67 -14.86 31.37 -5.11
N GLN B 68 -14.62 30.09 -4.87
CA GLN B 68 -15.68 29.13 -4.95
C GLN B 68 -15.77 28.50 -3.56
N ARG B 69 -16.97 28.50 -3.00
CA ARG B 69 -17.13 28.00 -1.63
C ARG B 69 -17.97 26.76 -1.65
N ASP B 70 -17.51 25.75 -0.92
CA ASP B 70 -18.17 24.50 -0.92
C ASP B 70 -18.63 24.33 0.50
N LYS B 71 -19.95 24.21 0.70
CA LYS B 71 -20.46 24.06 2.06
C LYS B 71 -20.45 22.65 2.59
N HIS B 72 -19.96 21.71 1.80
CA HIS B 72 -19.88 20.40 2.28
C HIS B 72 -18.64 20.30 3.19
N PHE B 73 -18.84 20.15 4.49
CA PHE B 73 -17.71 20.28 5.40
C PHE B 73 -17.69 19.11 6.36
N ASN B 74 -17.17 17.97 5.90
CA ASN B 74 -17.04 16.84 6.88
C ASN B 74 -15.57 16.70 7.24
N PHE B 75 -14.97 17.73 7.86
CA PHE B 75 -13.62 17.68 8.36
C PHE B 75 -13.68 17.85 9.88
N TYR B 76 -12.74 17.24 10.58
CA TYR B 76 -12.77 17.21 12.04
C TYR B 76 -11.43 17.50 12.60
N LYS B 77 -11.33 18.51 13.50
CA LYS B 77 -10.01 18.70 14.13
C LYS B 77 -9.48 17.47 14.86
N GLY B 78 -8.19 17.24 14.75
CA GLY B 78 -7.51 16.11 15.42
C GLY B 78 -7.56 14.81 14.63
N SER B 79 -8.13 14.84 13.42
CA SER B 79 -8.34 13.54 12.73
C SER B 79 -7.25 13.42 11.64
N THR B 80 -7.14 12.23 11.07
CA THR B 80 -6.32 12.04 9.89
C THR B 80 -7.24 11.94 8.70
N VAL B 81 -6.91 12.58 7.58
CA VAL B 81 -7.81 12.71 6.43
C VAL B 81 -6.91 12.48 5.19
N LYS B 82 -7.46 11.77 4.20
CA LYS B 82 -6.79 11.59 2.90
C LYS B 82 -7.48 12.43 1.87
N ILE B 83 -6.71 13.23 1.12
CA ILE B 83 -7.27 14.10 0.10
C ILE B 83 -6.61 13.67 -1.18
N ILE B 84 -7.40 13.42 -2.24
CA ILE B 84 -6.80 13.12 -3.57
C ILE B 84 -7.06 14.23 -4.53
N VAL B 85 -6.04 14.65 -5.30
CA VAL B 85 -6.26 15.72 -6.31
C VAL B 85 -5.93 15.17 -7.71
N GLU B 86 -6.85 15.30 -8.66
CA GLU B 86 -6.54 14.82 -10.02
C GLU B 86 -6.37 16.05 -10.91
N PHE B 87 -5.26 16.14 -11.63
CA PHE B 87 -5.01 17.28 -12.56
C PHE B 87 -5.66 16.88 -13.90
N LEU B 88 -6.77 17.52 -14.29
CA LEU B 88 -7.39 17.18 -15.63
C LEU B 88 -7.21 18.42 -16.51
N GLY B 89 -7.60 18.33 -17.77
CA GLY B 89 -7.32 19.45 -18.67
C GLY B 89 -8.16 20.68 -18.26
N ASP B 90 -9.40 20.48 -17.91
CA ASP B 90 -10.32 21.60 -17.69
C ASP B 90 -10.39 21.98 -16.22
N LYS B 91 -9.87 21.11 -15.32
CA LYS B 91 -10.23 21.30 -13.91
C LYS B 91 -9.32 20.46 -13.04
N PHE B 92 -9.32 20.85 -11.75
CA PHE B 92 -8.81 19.98 -10.65
C PHE B 92 -9.94 19.34 -9.94
N LEU B 93 -9.84 18.03 -9.75
CA LEU B 93 -10.85 17.40 -9.00
C LEU B 93 -10.23 16.98 -7.68
N VAL B 94 -10.86 17.40 -6.58
CA VAL B 94 -10.44 17.04 -5.23
C VAL B 94 -11.42 16.07 -4.66
N LYS B 95 -10.94 14.84 -4.43
CA LYS B 95 -11.80 13.83 -3.88
C LYS B 95 -11.65 13.78 -2.38
N LEU B 96 -12.77 13.93 -1.67
CA LEU B 96 -12.76 13.93 -0.21
C LEU B 96 -13.16 12.57 0.34
N PRO B 97 -12.79 12.31 1.59
CA PRO B 97 -12.90 10.96 2.16
C PRO B 97 -14.34 10.43 2.07
N ASP B 98 -15.31 11.35 2.22
CA ASP B 98 -16.73 11.01 2.32
C ASP B 98 -17.45 10.93 1.02
N GLY B 99 -16.67 10.86 -0.04
CA GLY B 99 -17.15 10.75 -1.36
C GLY B 99 -17.45 12.01 -2.14
N HIS B 100 -17.50 13.17 -1.47
CA HIS B 100 -17.79 14.42 -2.14
C HIS B 100 -16.59 14.81 -2.95
N GLU B 101 -16.85 15.38 -4.11
CA GLU B 101 -15.74 15.86 -4.94
C GLU B 101 -15.87 17.30 -5.12
N VAL B 102 -14.76 18.02 -5.05
CA VAL B 102 -14.80 19.46 -5.34
C VAL B 102 -14.15 19.59 -6.72
N GLU B 103 -14.80 20.29 -7.64
CA GLU B 103 -14.26 20.46 -9.01
C GLU B 103 -13.90 21.90 -9.08
N PHE B 104 -12.67 22.20 -9.41
CA PHE B 104 -12.26 23.58 -9.47
C PHE B 104 -11.69 23.83 -10.87
N PRO B 105 -12.23 24.80 -11.62
CA PRO B 105 -11.77 24.96 -13.02
C PRO B 105 -10.31 25.34 -13.15
N ASN B 106 -9.67 24.81 -14.16
CA ASN B 106 -8.29 25.10 -14.50
C ASN B 106 -8.24 26.44 -15.30
N ARG B 107 -8.39 27.55 -14.57
CA ARG B 107 -8.68 28.87 -15.18
C ARG B 107 -7.50 29.39 -16.02
N HIS B 108 -6.27 29.09 -15.62
CA HIS B 108 -5.07 29.60 -16.26
C HIS B 108 -4.53 28.62 -17.32
N GLY B 109 -5.31 27.59 -17.64
CA GLY B 109 -4.88 26.52 -18.59
C GLY B 109 -3.47 25.96 -18.33
N TYR B 110 -3.16 25.63 -17.09
CA TYR B 110 -1.92 24.93 -16.78
C TYR B 110 -1.95 23.54 -17.44
N ASP B 111 -0.86 23.08 -18.04
CA ASP B 111 -0.73 21.62 -18.27
C ASP B 111 0.49 21.06 -17.52
N LYS B 112 1.18 21.92 -16.78
CA LYS B 112 2.23 21.47 -15.85
C LYS B 112 2.18 22.24 -14.53
N ILE B 113 2.35 21.55 -13.39
CA ILE B 113 2.35 22.24 -12.07
C ILE B 113 3.66 21.94 -11.42
N SER B 114 4.41 22.95 -10.97
CA SER B 114 5.73 22.63 -10.47
C SER B 114 5.89 22.89 -8.91
N TYR B 115 4.90 23.50 -8.28
CA TYR B 115 5.02 24.06 -6.96
C TYR B 115 3.81 23.59 -6.14
N LEU B 116 4.08 23.12 -4.94
CA LEU B 116 3.01 22.73 -3.97
C LEU B 116 3.44 23.33 -2.58
N ASN B 117 2.47 23.88 -1.82
CA ASN B 117 2.75 24.06 -0.39
C ASN B 117 1.52 23.72 0.38
N ILE B 118 1.73 23.36 1.62
CA ILE B 118 0.60 23.15 2.50
C ILE B 118 0.86 24.05 3.71
N LEU B 119 -0.17 24.77 4.11
CA LEU B 119 -0.08 25.80 5.20
C LEU B 119 -1.09 25.44 6.29
N GLY B 120 -0.83 25.91 7.49
CA GLY B 120 -1.88 25.81 8.48
C GLY B 120 -1.83 24.56 9.32
N GLY B 121 -3.00 24.20 9.86
CA GLY B 121 -2.98 23.18 10.87
C GLY B 121 -3.12 21.77 10.24
N PHE B 122 -2.13 21.39 9.41
CA PHE B 122 -2.23 20.09 8.69
C PHE B 122 -0.82 19.54 8.61
N LYS B 123 -0.58 18.38 9.22
CA LYS B 123 0.74 17.76 9.23
C LYS B 123 0.69 16.57 8.25
N VAL B 124 1.39 16.71 7.11
CA VAL B 124 1.42 15.54 6.18
C VAL B 124 1.99 14.28 6.83
N THR B 125 1.30 13.18 6.59
CA THR B 125 1.84 11.93 7.00
C THR B 125 2.07 10.99 5.81
N SER B 126 1.38 11.22 4.69
CA SER B 126 1.61 10.32 3.52
C SER B 126 1.34 11.17 2.29
N PHE B 127 2.33 11.25 1.44
CA PHE B 127 2.18 12.08 0.20
C PHE B 127 2.60 11.18 -0.96
N LYS B 128 1.90 11.26 -2.11
CA LYS B 128 2.36 10.51 -3.28
C LYS B 128 1.97 11.34 -4.49
N VAL B 129 2.84 11.43 -5.50
CA VAL B 129 2.46 12.18 -6.70
C VAL B 129 2.86 11.31 -7.90
N GLU B 130 1.96 11.23 -8.89
CA GLU B 130 2.33 10.53 -10.11
C GLU B 130 1.72 11.24 -11.29
N ALA C 1 -20.31 -17.48 13.79
CA ALA C 1 -19.39 -17.39 14.97
C ALA C 1 -18.61 -16.06 14.93
N ARG C 2 -18.07 -15.68 16.10
CA ARG C 2 -17.14 -14.54 16.30
C ARG C 2 -15.85 -14.77 15.48
N MET C 3 -15.58 -13.86 14.56
CA MET C 3 -14.38 -13.97 13.80
C MET C 3 -13.30 -13.08 14.50
N PHE C 4 -13.67 -11.90 15.02
CA PHE C 4 -12.67 -10.81 15.19
C PHE C 4 -13.29 -9.92 16.22
N GLU C 5 -12.51 -9.49 17.23
CA GLU C 5 -13.04 -8.62 18.27
C GLU C 5 -11.94 -7.64 18.67
N MET C 6 -12.24 -6.34 18.75
CA MET C 6 -11.22 -5.41 19.18
C MET C 6 -11.85 -4.45 20.20
N PHE C 7 -11.04 -4.07 21.18
CA PHE C 7 -11.43 -3.24 22.28
C PHE C 7 -10.56 -1.98 22.33
N ASN C 8 -11.01 -0.97 23.08
CA ASN C 8 -10.19 0.27 23.20
C ASN C 8 -9.75 0.94 21.86
N LEU C 9 -10.65 0.97 20.87
CA LEU C 9 -10.34 1.48 19.52
C LEU C 9 -10.08 2.98 19.47
N ASP C 10 -10.70 3.70 20.38
CA ASP C 10 -10.66 5.18 20.36
C ASP C 10 -10.93 5.81 18.98
N TRP C 11 -12.01 5.43 18.30
CA TRP C 11 -12.19 5.84 16.93
C TRP C 11 -13.19 6.98 16.97
N LYS C 12 -12.86 8.10 16.33
CA LYS C 12 -13.66 9.32 16.42
C LYS C 12 -14.02 9.84 15.08
N SER C 13 -14.86 10.88 15.01
CA SER C 13 -15.21 11.45 13.75
C SER C 13 -14.02 11.89 12.94
N GLY C 14 -14.16 11.74 11.62
CA GLY C 14 -13.04 11.87 10.67
C GLY C 14 -12.28 10.53 10.54
N GLY C 15 -12.57 9.59 11.41
CA GLY C 15 -11.93 8.23 11.36
C GLY C 15 -12.37 7.42 10.13
N THR C 16 -11.47 6.55 9.67
CA THR C 16 -11.72 5.70 8.48
C THR C 16 -11.33 4.34 8.97
N MET C 17 -12.04 3.29 8.50
CA MET C 17 -11.59 1.94 8.88
C MET C 17 -11.73 1.14 7.60
N LYS C 18 -10.74 0.31 7.27
CA LYS C 18 -10.77 -0.42 6.02
C LYS C 18 -10.77 -1.88 6.45
N ILE C 19 -11.75 -2.66 5.98
CA ILE C 19 -11.81 -4.02 6.39
C ILE C 19 -11.87 -4.80 5.11
N LYS C 20 -10.92 -5.71 4.94
CA LYS C 20 -10.96 -6.50 3.71
C LYS C 20 -10.97 -7.95 4.11
N GLY C 21 -11.67 -8.81 3.35
CA GLY C 21 -11.65 -10.20 3.81
C GLY C 21 -12.41 -11.06 2.81
N HIS C 22 -12.53 -12.33 3.15
CA HIS C 22 -13.10 -13.29 2.22
C HIS C 22 -14.49 -13.71 2.74
N ILE C 23 -15.48 -13.61 1.85
CA ILE C 23 -16.84 -14.00 2.13
C ILE C 23 -16.91 -15.52 1.90
N SER C 24 -17.38 -16.26 2.90
CA SER C 24 -17.49 -17.72 2.79
C SER C 24 -18.28 -18.13 1.53
N GLU C 25 -17.84 -19.24 0.94
CA GLU C 25 -18.55 -19.80 -0.23
C GLU C 25 -19.99 -20.15 0.19
N ASP C 26 -20.21 -20.54 1.42
CA ASP C 26 -21.57 -20.91 1.80
C ASP C 26 -22.18 -19.86 2.73
N ALA C 27 -21.53 -18.70 2.86
CA ALA C 27 -22.10 -17.53 3.63
C ALA C 27 -23.59 -17.35 3.43
N GLU C 28 -24.41 -17.19 4.50
CA GLU C 28 -25.66 -16.51 4.29
C GLU C 28 -25.64 -15.06 4.85
N SER C 29 -24.72 -14.79 5.75
CA SER C 29 -24.62 -13.40 6.21
CA SER C 29 -24.73 -13.47 6.45
C SER C 29 -23.33 -13.18 6.97
N PHE C 30 -22.96 -11.88 7.10
CA PHE C 30 -21.83 -11.58 7.97
C PHE C 30 -22.14 -10.16 8.52
N ALA C 31 -21.43 -9.77 9.55
CA ALA C 31 -21.71 -8.45 10.12
C ALA C 31 -20.47 -7.83 10.58
N ILE C 32 -20.44 -6.50 10.39
CA ILE C 32 -19.41 -5.66 11.00
C ILE C 32 -20.16 -4.75 12.03
N ASN C 33 -19.72 -4.89 13.30
CA ASN C 33 -20.43 -4.23 14.46
C ASN C 33 -19.49 -3.25 15.16
N LEU C 34 -19.91 -1.98 15.29
CA LEU C 34 -18.99 -0.97 15.87
C LEU C 34 -19.80 -0.33 16.98
N GLY C 35 -19.20 -0.09 18.15
CA GLY C 35 -20.03 0.59 19.18
C GLY C 35 -19.18 0.72 20.41
N CYS C 36 -19.77 0.63 21.59
CA CYS C 36 -18.90 0.79 22.77
CA CYS C 36 -18.91 0.79 22.77
C CYS C 36 -18.68 -0.51 23.54
N LYS C 37 -19.48 -1.54 23.24
CA LYS C 37 -19.33 -2.88 23.73
C LYS C 37 -20.28 -3.80 22.96
N SER C 38 -20.25 -5.11 23.23
CA SER C 38 -20.99 -6.05 22.34
C SER C 38 -22.52 -5.82 22.39
N SER C 39 -23.01 -5.23 23.51
CA SER C 39 -24.46 -4.93 23.72
C SER C 39 -24.91 -3.53 23.30
N ASP C 40 -23.97 -2.68 22.79
CA ASP C 40 -24.30 -1.30 22.45
C ASP C 40 -23.52 -0.98 21.22
N LEU C 41 -24.24 -1.06 20.11
CA LEU C 41 -23.71 -0.83 18.77
C LEU C 41 -24.29 0.41 18.12
N ALA C 42 -23.39 1.26 17.65
CA ALA C 42 -23.75 2.36 16.79
C ALA C 42 -24.02 1.90 15.39
N LEU C 43 -23.28 0.86 14.92
CA LEU C 43 -23.50 0.49 13.52
C LEU C 43 -23.35 -1.05 13.51
N HIS C 44 -24.40 -1.70 12.99
CA HIS C 44 -24.32 -3.12 12.72
C HIS C 44 -24.59 -3.15 11.22
N PHE C 45 -23.59 -3.55 10.40
CA PHE C 45 -23.67 -3.42 8.98
C PHE C 45 -23.70 -4.92 8.51
N ASN C 46 -24.80 -5.35 7.89
CA ASN C 46 -25.03 -6.82 7.87
C ASN C 46 -25.61 -7.26 6.53
N PRO C 47 -24.72 -7.51 5.55
CA PRO C 47 -25.20 -8.09 4.28
C PRO C 47 -25.81 -9.49 4.61
N ARG C 48 -27.03 -9.67 4.12
CA ARG C 48 -27.77 -10.92 4.28
C ARG C 48 -28.12 -11.47 2.90
N PHE C 49 -27.37 -12.47 2.48
CA PHE C 49 -27.58 -13.06 1.20
C PHE C 49 -29.01 -13.61 1.04
N ASN C 50 -29.50 -14.28 2.03
CA ASN C 50 -30.83 -14.99 1.88
C ASN C 50 -31.97 -14.00 1.84
N GLU C 51 -31.74 -12.76 2.37
CA GLU C 51 -32.73 -11.69 2.21
C GLU C 51 -32.40 -10.80 1.01
N SER C 52 -31.28 -11.05 0.34
CA SER C 52 -30.79 -10.19 -0.78
C SER C 52 -30.69 -8.67 -0.45
N VAL C 53 -30.33 -8.35 0.79
CA VAL C 53 -30.22 -6.90 1.14
C VAL C 53 -29.11 -6.70 2.13
N ILE C 54 -28.70 -5.42 2.24
CA ILE C 54 -27.72 -5.12 3.36
C ILE C 54 -28.58 -4.49 4.50
N VAL C 55 -28.59 -5.12 5.66
CA VAL C 55 -29.35 -4.59 6.82
C VAL C 55 -28.36 -3.74 7.64
N CYS C 56 -28.72 -2.51 7.97
CA CYS C 56 -27.97 -1.80 9.02
C CYS C 56 -28.94 -1.56 10.16
N ASN C 57 -28.39 -1.64 11.37
CA ASN C 57 -29.22 -1.29 12.52
C ASN C 57 -28.33 -0.77 13.63
N SER C 58 -28.94 -0.43 14.77
CA SER C 58 -28.15 -0.14 15.97
C SER C 58 -28.67 -1.00 17.11
N LEU C 59 -27.88 -1.19 18.14
CA LEU C 59 -28.26 -2.01 19.25
C LEU C 59 -28.10 -1.18 20.56
N CYS C 60 -29.16 -1.13 21.35
CA CYS C 60 -29.15 -0.26 22.55
CA CYS C 60 -29.18 -0.27 22.58
C CYS C 60 -29.47 -1.13 23.75
N SER C 61 -28.46 -1.35 24.59
CA SER C 61 -28.53 -2.34 25.68
C SER C 61 -29.12 -3.71 25.28
N ASP C 62 -28.53 -4.34 24.25
CA ASP C 62 -29.00 -5.62 23.73
C ASP C 62 -30.38 -5.59 23.15
N ASN C 63 -30.89 -4.42 22.88
CA ASN C 63 -32.13 -4.29 22.15
C ASN C 63 -31.96 -3.73 20.73
N TRP C 64 -32.35 -4.51 19.70
CA TRP C 64 -32.29 -3.99 18.35
C TRP C 64 -33.27 -2.92 18.09
N GLN C 65 -32.85 -1.90 17.35
CA GLN C 65 -33.62 -0.75 16.93
C GLN C 65 -34.29 -0.98 15.59
N GLN C 66 -34.78 0.04 14.92
CA GLN C 66 -35.43 -0.11 13.63
C GLN C 66 -34.33 -0.25 12.56
N GLU C 67 -34.39 -1.33 11.77
CA GLU C 67 -33.33 -1.54 10.78
C GLU C 67 -33.59 -0.74 9.52
N GLN C 68 -32.53 -0.50 8.74
CA GLN C 68 -32.67 0.09 7.40
C GLN C 68 -32.15 -1.02 6.42
N ARG C 69 -32.79 -1.09 5.28
CA ARG C 69 -32.47 -2.22 4.35
C ARG C 69 -32.12 -1.62 3.03
N ASP C 70 -30.96 -1.96 2.49
CA ASP C 70 -30.51 -1.40 1.23
C ASP C 70 -30.51 -2.55 0.19
N LYS C 71 -31.28 -2.39 -0.87
CA LYS C 71 -31.43 -3.48 -1.88
C LYS C 71 -30.31 -3.52 -2.92
N HIS C 72 -29.42 -2.51 -2.92
CA HIS C 72 -28.25 -2.56 -3.79
C HIS C 72 -27.28 -3.60 -3.22
N PHE C 73 -27.42 -4.84 -3.69
CA PHE C 73 -26.75 -5.99 -3.09
C PHE C 73 -26.00 -6.68 -4.20
N ASN C 74 -24.72 -6.51 -4.12
CA ASN C 74 -23.77 -6.80 -5.16
C ASN C 74 -22.58 -7.52 -4.54
N PHE C 75 -22.77 -8.12 -3.36
CA PHE C 75 -21.78 -9.01 -2.79
C PHE C 75 -21.92 -10.41 -3.37
N TYR C 76 -20.81 -11.14 -3.47
CA TYR C 76 -20.76 -12.48 -4.03
C TYR C 76 -20.13 -13.40 -3.04
N LYS C 77 -20.73 -14.58 -2.86
CA LYS C 77 -20.14 -15.55 -1.99
C LYS C 77 -18.81 -16.02 -2.57
N GLY C 78 -17.83 -16.32 -1.73
CA GLY C 78 -16.53 -16.81 -2.21
C GLY C 78 -15.53 -15.73 -2.64
N SER C 79 -15.95 -14.45 -2.63
CA SER C 79 -15.14 -13.32 -3.09
C SER C 79 -14.35 -12.67 -1.94
N THR C 80 -13.39 -11.88 -2.35
CA THR C 80 -12.58 -11.09 -1.40
C THR C 80 -13.08 -9.65 -1.65
N VAL C 81 -13.50 -8.94 -0.59
CA VAL C 81 -14.06 -7.61 -0.76
C VAL C 81 -13.41 -6.68 0.27
N LYS C 82 -13.39 -5.41 -0.12
CA LYS C 82 -12.86 -4.33 0.77
C LYS C 82 -13.99 -3.41 1.09
N ILE C 83 -14.19 -3.15 2.41
CA ILE C 83 -15.35 -2.34 2.89
C ILE C 83 -14.66 -1.22 3.63
N ILE C 84 -15.10 0.01 3.37
CA ILE C 84 -14.47 1.16 4.09
C ILE C 84 -15.58 1.81 4.89
N VAL C 85 -15.33 2.13 6.17
CA VAL C 85 -16.37 2.75 6.99
C VAL C 85 -15.79 4.11 7.40
N GLU C 86 -16.56 5.16 7.23
CA GLU C 86 -16.13 6.48 7.79
C GLU C 86 -17.07 6.97 8.85
N PHE C 87 -16.51 7.61 9.88
CA PHE C 87 -17.27 8.02 11.02
C PHE C 87 -17.40 9.52 10.78
N LEU C 88 -18.63 10.00 10.56
CA LEU C 88 -18.83 11.38 10.05
C LEU C 88 -19.82 12.12 10.90
N GLY C 89 -19.55 12.13 12.20
CA GLY C 89 -20.37 12.98 13.12
C GLY C 89 -21.74 12.38 13.36
N ASP C 90 -22.73 12.81 12.55
CA ASP C 90 -24.12 12.34 12.72
C ASP C 90 -24.42 11.11 11.87
N LYS C 91 -23.44 10.68 11.13
CA LYS C 91 -23.67 9.44 10.32
C LYS C 91 -22.41 8.63 10.11
N PHE C 92 -22.63 7.37 9.72
CA PHE C 92 -21.56 6.46 9.27
C PHE C 92 -21.81 6.24 7.83
N LEU C 93 -20.74 6.29 7.08
CA LEU C 93 -20.77 6.00 5.66
C LEU C 93 -19.97 4.73 5.35
N VAL C 94 -20.56 3.79 4.61
CA VAL C 94 -19.85 2.55 4.28
C VAL C 94 -19.70 2.55 2.78
N LYS C 95 -18.47 2.53 2.25
CA LYS C 95 -18.29 2.56 0.80
C LYS C 95 -17.97 1.13 0.34
N LEU C 96 -18.68 0.70 -0.69
CA LEU C 96 -18.50 -0.66 -1.17
C LEU C 96 -17.67 -0.64 -2.44
N PRO C 97 -17.18 -1.81 -2.83
CA PRO C 97 -16.24 -1.88 -3.96
C PRO C 97 -16.77 -1.34 -5.24
N ASP C 98 -18.09 -1.50 -5.52
CA ASP C 98 -18.61 -0.99 -6.79
C ASP C 98 -18.89 0.51 -6.76
N GLY C 99 -18.47 1.16 -5.69
CA GLY C 99 -18.73 2.62 -5.59
C GLY C 99 -20.01 3.00 -4.83
N HIS C 100 -20.93 2.06 -4.64
CA HIS C 100 -22.17 2.37 -3.88
C HIS C 100 -21.81 2.77 -2.43
N GLU C 101 -22.53 3.75 -1.85
CA GLU C 101 -22.29 4.10 -0.45
C GLU C 101 -23.54 3.74 0.35
N VAL C 102 -23.37 3.17 1.52
CA VAL C 102 -24.52 2.96 2.40
C VAL C 102 -24.36 3.97 3.53
N GLU C 103 -25.37 4.77 3.80
CA GLU C 103 -25.28 5.68 4.97
C GLU C 103 -26.20 5.25 6.10
N PHE C 104 -25.81 5.50 7.34
CA PHE C 104 -26.62 5.07 8.49
C PHE C 104 -26.40 6.07 9.65
N PRO C 105 -27.51 6.48 10.24
CA PRO C 105 -27.38 7.61 11.16
C PRO C 105 -26.71 7.16 12.46
N ASN C 106 -25.93 8.06 13.09
CA ASN C 106 -25.38 7.82 14.36
C ASN C 106 -26.49 8.25 15.30
N ARG C 107 -27.38 7.33 15.59
CA ARG C 107 -28.64 7.62 16.34
C ARG C 107 -28.39 8.04 17.75
N HIS C 108 -27.45 7.41 18.41
CA HIS C 108 -27.32 7.52 19.82
C HIS C 108 -26.23 8.59 20.14
N GLY C 109 -25.78 9.30 19.12
CA GLY C 109 -24.80 10.44 19.24
C GLY C 109 -23.47 10.03 19.86
N TYR C 110 -22.94 8.89 19.43
CA TYR C 110 -21.60 8.49 19.82
C TYR C 110 -20.59 9.50 19.34
N ASP C 111 -19.63 9.90 20.22
CA ASP C 111 -18.46 10.69 19.81
C ASP C 111 -17.21 9.81 19.71
N LYS C 112 -17.26 8.62 20.30
CA LYS C 112 -16.16 7.68 20.34
C LYS C 112 -16.65 6.23 20.13
N ILE C 113 -15.97 5.50 19.24
CA ILE C 113 -16.27 4.06 19.09
C ILE C 113 -15.11 3.35 19.71
N SER C 114 -15.33 2.46 20.69
CA SER C 114 -14.23 1.77 21.22
C SER C 114 -14.21 0.29 20.91
N TYR C 115 -15.27 -0.22 20.29
CA TYR C 115 -15.40 -1.66 20.24
C TYR C 115 -15.79 -2.08 18.79
N LEU C 116 -15.24 -3.20 18.34
CA LEU C 116 -15.59 -3.70 16.99
C LEU C 116 -15.67 -5.22 17.07
N ASN C 117 -16.64 -5.80 16.36
CA ASN C 117 -16.54 -7.27 16.16
C ASN C 117 -16.96 -7.51 14.75
N ILE C 118 -16.51 -8.65 14.22
CA ILE C 118 -16.97 -9.11 12.91
C ILE C 118 -17.42 -10.55 13.09
N LEU C 119 -18.62 -10.84 12.58
CA LEU C 119 -19.23 -12.13 12.86
C LEU C 119 -19.72 -12.71 11.56
N GLY C 120 -19.83 -14.02 11.56
CA GLY C 120 -20.52 -14.73 10.46
C GLY C 120 -19.52 -15.12 9.36
N GLY C 121 -20.03 -15.15 8.12
CA GLY C 121 -19.29 -15.81 7.02
C GLY C 121 -18.29 -14.85 6.36
N PHE C 122 -17.38 -14.29 7.14
CA PHE C 122 -16.43 -13.32 6.67
C PHE C 122 -15.10 -13.55 7.42
N LYS C 123 -13.99 -13.71 6.69
CA LYS C 123 -12.71 -13.96 7.33
C LYS C 123 -11.80 -12.78 7.01
N VAL C 124 -11.49 -11.98 8.03
CA VAL C 124 -10.68 -10.77 7.80
C VAL C 124 -9.30 -11.11 7.30
N THR C 125 -8.91 -10.47 6.22
CA THR C 125 -7.52 -10.56 5.79
C THR C 125 -6.73 -9.25 5.93
N SER C 126 -7.38 -8.08 5.99
CA SER C 126 -6.57 -6.88 6.21
C SER C 126 -7.48 -5.98 7.02
N PHE C 127 -6.93 -5.20 7.95
CA PHE C 127 -7.81 -4.28 8.72
C PHE C 127 -6.91 -3.07 8.89
N LYS C 128 -7.51 -1.86 8.75
CA LYS C 128 -6.71 -0.67 9.10
C LYS C 128 -7.61 0.32 9.74
N VAL C 129 -7.08 1.14 10.62
CA VAL C 129 -7.99 2.11 11.21
C VAL C 129 -7.17 3.36 11.47
N GLU C 130 -7.75 4.52 11.17
CA GLU C 130 -7.02 5.76 11.44
C GLU C 130 -8.04 6.82 11.72
N ALA D 1 0.05 -4.06 -30.18
CA ALA D 1 1.36 -4.73 -29.82
C ALA D 1 1.41 -5.25 -28.35
N ARG D 2 1.64 -6.57 -28.16
CA ARG D 2 1.47 -7.29 -26.85
C ARG D 2 2.39 -6.87 -25.73
N MET D 3 1.84 -6.46 -24.60
CA MET D 3 2.72 -5.96 -23.61
C MET D 3 2.66 -6.95 -22.41
N PHE D 4 1.46 -7.43 -22.08
CA PHE D 4 1.29 -8.17 -20.79
C PHE D 4 0.28 -9.28 -21.13
N GLU D 5 0.53 -10.52 -20.66
CA GLU D 5 -0.39 -11.62 -21.01
C GLU D 5 -0.39 -12.56 -19.79
N MET D 6 -1.59 -12.94 -19.33
CA MET D 6 -1.68 -13.84 -18.20
C MET D 6 -2.78 -14.84 -18.49
N PHE D 7 -2.49 -16.09 -18.10
CA PHE D 7 -3.31 -17.22 -18.38
C PHE D 7 -3.74 -17.79 -17.03
N ASN D 8 -4.75 -18.64 -17.07
CA ASN D 8 -5.11 -19.30 -15.82
C ASN D 8 -5.43 -18.38 -14.68
N LEU D 9 -6.08 -17.26 -14.98
CA LEU D 9 -6.45 -16.29 -13.95
C LEU D 9 -7.50 -16.72 -12.92
N ASP D 10 -8.42 -17.57 -13.29
CA ASP D 10 -9.50 -17.94 -12.33
C ASP D 10 -10.24 -16.76 -11.65
N TRP D 11 -10.66 -15.78 -12.47
CA TRP D 11 -11.34 -14.60 -11.95
C TRP D 11 -12.83 -14.73 -12.09
N LYS D 12 -13.52 -14.55 -10.98
CA LYS D 12 -14.95 -14.81 -10.98
C LYS D 12 -15.75 -13.62 -10.47
N SER D 13 -17.09 -13.72 -10.55
CA SER D 13 -17.94 -12.67 -9.97
C SER D 13 -17.54 -12.19 -8.59
N GLY D 14 -17.63 -10.89 -8.37
CA GLY D 14 -17.10 -10.33 -7.14
C GLY D 14 -15.62 -10.01 -7.21
N GLY D 15 -14.96 -10.49 -8.26
CA GLY D 15 -13.50 -10.25 -8.36
C GLY D 15 -13.24 -8.81 -8.72
N THR D 16 -12.09 -8.31 -8.32
CA THR D 16 -11.67 -6.98 -8.74
C THR D 16 -10.24 -7.06 -9.25
N MET D 17 -9.90 -6.16 -10.16
CA MET D 17 -8.54 -6.14 -10.68
C MET D 17 -8.10 -4.70 -10.73
N LYS D 18 -6.84 -4.42 -10.37
CA LYS D 18 -6.31 -3.09 -10.45
C LYS D 18 -5.19 -3.17 -11.47
N ILE D 19 -5.32 -2.35 -12.49
CA ILE D 19 -4.31 -2.27 -13.60
C ILE D 19 -3.84 -0.81 -13.62
N LYS D 20 -2.59 -0.62 -13.22
CA LYS D 20 -2.00 0.73 -13.13
C LYS D 20 -0.80 0.74 -14.02
N GLY D 21 -0.66 1.81 -14.76
CA GLY D 21 0.45 1.75 -15.68
C GLY D 21 0.67 3.13 -16.36
N HIS D 22 1.70 3.17 -17.19
CA HIS D 22 2.11 4.40 -17.80
C HIS D 22 1.72 4.41 -19.29
N ILE D 23 1.02 5.47 -19.67
CA ILE D 23 0.52 5.63 -21.10
C ILE D 23 1.70 6.29 -21.81
N SER D 24 2.15 5.68 -22.90
CA SER D 24 3.31 6.17 -23.68
C SER D 24 3.08 7.65 -24.09
N GLU D 25 4.14 8.43 -24.07
CA GLU D 25 4.08 9.79 -24.59
C GLU D 25 3.59 9.83 -26.01
N ASP D 26 3.91 8.79 -26.78
CA ASP D 26 3.43 8.77 -28.14
C ASP D 26 2.36 7.74 -28.36
N ALA D 27 1.68 7.29 -27.27
CA ALA D 27 0.57 6.35 -27.45
C ALA D 27 -0.48 6.81 -28.49
N GLU D 28 -0.99 5.88 -29.28
CA GLU D 28 -2.23 6.11 -30.05
C GLU D 28 -3.39 5.40 -29.47
N SER D 29 -3.16 4.23 -28.80
CA SER D 29 -4.32 3.63 -28.14
C SER D 29 -3.75 2.57 -27.20
N PHE D 30 -4.58 2.00 -26.34
CA PHE D 30 -4.13 0.78 -25.67
C PHE D 30 -5.41 -0.08 -25.45
N ALA D 31 -5.25 -1.34 -25.03
CA ALA D 31 -6.42 -2.16 -24.80
C ALA D 31 -6.13 -3.10 -23.64
N ILE D 32 -7.17 -3.24 -22.85
CA ILE D 32 -7.24 -4.22 -21.73
C ILE D 32 -8.27 -5.26 -22.24
N ASN D 33 -7.80 -6.50 -22.35
CA ASN D 33 -8.60 -7.60 -22.91
C ASN D 33 -8.74 -8.73 -21.90
N LEU D 34 -9.98 -9.06 -21.52
CA LEU D 34 -10.24 -10.04 -20.51
C LEU D 34 -11.20 -11.10 -21.14
N GLY D 35 -10.89 -12.38 -20.95
CA GLY D 35 -11.82 -13.35 -21.59
C GLY D 35 -11.25 -14.73 -21.28
N CYS D 36 -11.38 -15.64 -22.25
CA CYS D 36 -11.09 -17.07 -22.06
C CYS D 36 -9.78 -17.41 -22.79
N LYS D 37 -9.46 -16.66 -23.83
CA LYS D 37 -8.17 -16.81 -24.56
C LYS D 37 -8.10 -15.68 -25.55
N SER D 38 -7.03 -15.61 -26.32
CA SER D 38 -6.88 -14.42 -27.19
C SER D 38 -8.00 -14.18 -28.17
N SER D 39 -8.72 -15.23 -28.60
CA SER D 39 -9.81 -15.07 -29.57
C SER D 39 -11.23 -14.94 -29.00
N ASP D 40 -11.37 -14.99 -27.68
CA ASP D 40 -12.67 -14.98 -27.04
C ASP D 40 -12.55 -14.03 -25.86
N LEU D 41 -13.15 -12.85 -26.02
CA LEU D 41 -13.00 -11.81 -24.97
C LEU D 41 -14.36 -11.37 -24.50
N ALA D 42 -14.53 -11.44 -23.16
CA ALA D 42 -15.67 -10.81 -22.54
C ALA D 42 -15.60 -9.28 -22.63
N LEU D 43 -14.38 -8.70 -22.47
CA LEU D 43 -14.29 -7.22 -22.39
C LEU D 43 -13.00 -6.83 -23.15
N HIS D 44 -13.14 -5.96 -24.14
CA HIS D 44 -12.02 -5.24 -24.79
C HIS D 44 -12.33 -3.80 -24.44
N PHE D 45 -11.43 -3.22 -23.64
CA PHE D 45 -11.58 -1.82 -23.16
C PHE D 45 -10.45 -1.06 -23.81
N ASN D 46 -10.81 -0.19 -24.77
CA ASN D 46 -9.83 0.30 -25.76
C ASN D 46 -9.95 1.82 -25.93
N PRO D 47 -9.25 2.58 -25.06
CA PRO D 47 -9.15 4.01 -25.28
C PRO D 47 -8.27 4.34 -26.51
N ARG D 48 -8.78 5.20 -27.40
CA ARG D 48 -8.09 5.52 -28.65
C ARG D 48 -7.82 7.07 -28.69
N PHE D 49 -6.56 7.46 -28.69
CA PHE D 49 -6.17 8.89 -28.64
C PHE D 49 -6.40 9.47 -30.04
N ASN D 50 -6.39 8.60 -31.04
CA ASN D 50 -6.60 9.17 -32.40
C ASN D 50 -8.02 9.57 -32.63
N GLU D 51 -8.93 9.02 -31.83
CA GLU D 51 -10.34 9.37 -31.87
C GLU D 51 -10.87 10.11 -30.66
N SER D 52 -10.11 10.18 -29.57
CA SER D 52 -10.67 10.67 -28.33
C SER D 52 -11.94 9.96 -27.91
N VAL D 53 -11.96 8.62 -28.00
CA VAL D 53 -13.12 7.84 -27.54
C VAL D 53 -12.62 6.55 -26.85
N ILE D 54 -13.43 5.99 -25.96
CA ILE D 54 -13.20 4.66 -25.44
C ILE D 54 -14.13 3.73 -26.18
N VAL D 55 -13.54 2.76 -26.83
CA VAL D 55 -14.32 1.71 -27.56
C VAL D 55 -14.33 0.48 -26.63
N CYS D 56 -15.51 -0.09 -26.35
CA CYS D 56 -15.57 -1.34 -25.59
C CYS D 56 -16.19 -2.32 -26.56
N ASN D 57 -15.72 -3.56 -26.53
CA ASN D 57 -16.47 -4.54 -27.36
C ASN D 57 -16.17 -5.88 -26.77
N SER D 58 -16.81 -6.92 -27.33
CA SER D 58 -16.47 -8.29 -27.02
C SER D 58 -16.02 -8.93 -28.33
N LEU D 59 -15.34 -10.05 -28.20
CA LEU D 59 -14.69 -10.76 -29.31
C LEU D 59 -15.20 -12.17 -29.17
N CYS D 60 -15.91 -12.66 -30.19
CA CYS D 60 -16.44 -14.03 -30.09
C CYS D 60 -15.83 -14.84 -31.22
N SER D 61 -15.05 -15.86 -30.86
CA SER D 61 -14.16 -16.62 -31.75
C SER D 61 -13.56 -15.75 -32.86
N ASP D 62 -12.79 -14.74 -32.43
CA ASP D 62 -12.15 -13.85 -33.34
C ASP D 62 -13.02 -12.89 -34.12
N ASN D 63 -14.32 -12.80 -33.84
CA ASN D 63 -15.17 -11.81 -34.50
C ASN D 63 -15.58 -10.69 -33.51
N TRP D 64 -15.33 -9.43 -33.87
CA TRP D 64 -15.74 -8.31 -33.01
C TRP D 64 -17.24 -8.21 -33.04
N GLN D 65 -17.84 -7.93 -31.89
CA GLN D 65 -19.27 -7.70 -31.84
C GLN D 65 -19.71 -6.26 -31.92
N GLN D 66 -20.83 -5.90 -31.31
CA GLN D 66 -21.33 -4.52 -31.44
C GLN D 66 -20.53 -3.62 -30.46
N GLU D 67 -19.89 -2.60 -31.01
CA GLU D 67 -19.06 -1.66 -30.21
C GLU D 67 -19.94 -0.84 -29.34
N GLN D 68 -19.51 -0.51 -28.13
CA GLN D 68 -20.14 0.55 -27.32
C GLN D 68 -19.11 1.65 -27.17
N ARG D 69 -19.46 2.89 -27.49
CA ARG D 69 -18.43 3.94 -27.47
C ARG D 69 -18.74 5.01 -26.40
N ASP D 70 -17.71 5.53 -25.76
CA ASP D 70 -17.91 6.55 -24.74
C ASP D 70 -16.99 7.71 -25.08
N LYS D 71 -17.60 8.86 -25.38
CA LYS D 71 -16.83 10.00 -25.87
C LYS D 71 -16.25 10.82 -24.70
N HIS D 72 -16.49 10.35 -23.49
CA HIS D 72 -15.97 11.06 -22.31
C HIS D 72 -14.42 11.11 -22.36
N PHE D 73 -13.84 9.97 -22.68
CA PHE D 73 -12.37 9.85 -22.85
C PHE D 73 -11.58 10.28 -21.60
N ASN D 74 -10.86 11.38 -21.67
CA ASN D 74 -10.20 11.95 -20.49
C ASN D 74 -8.95 11.15 -20.06
N PHE D 75 -8.27 10.57 -21.07
CA PHE D 75 -6.92 10.00 -20.86
C PHE D 75 -5.93 10.94 -21.41
N TYR D 76 -4.71 10.80 -20.90
CA TYR D 76 -3.61 11.73 -21.23
C TYR D 76 -2.37 10.98 -21.57
N LYS D 77 -1.77 11.27 -22.73
CA LYS D 77 -0.46 10.64 -23.08
C LYS D 77 0.58 11.01 -22.08
N GLY D 78 1.41 10.04 -21.73
CA GLY D 78 2.56 10.27 -20.80
C GLY D 78 2.15 10.09 -19.34
N SER D 79 0.87 9.86 -19.05
CA SER D 79 0.43 9.86 -17.66
C SER D 79 0.53 8.43 -17.09
N THR D 80 0.43 8.37 -15.77
CA THR D 80 0.29 7.10 -15.04
C THR D 80 -1.13 7.03 -14.53
N VAL D 81 -1.87 5.98 -14.90
CA VAL D 81 -3.26 5.90 -14.50
C VAL D 81 -3.60 4.57 -13.86
N LYS D 82 -4.54 4.62 -12.92
CA LYS D 82 -4.99 3.39 -12.28
C LYS D 82 -6.41 3.07 -12.80
N ILE D 83 -6.57 1.87 -13.35
CA ILE D 83 -7.87 1.43 -13.90
C ILE D 83 -8.33 0.25 -13.04
N ILE D 84 -9.58 0.30 -12.55
CA ILE D 84 -10.09 -0.79 -11.70
C ILE D 84 -11.16 -1.49 -12.51
N VAL D 85 -11.10 -2.80 -12.57
CA VAL D 85 -12.17 -3.52 -13.33
C VAL D 85 -12.83 -4.46 -12.28
N GLU D 86 -14.17 -4.56 -12.36
CA GLU D 86 -14.91 -5.42 -11.39
C GLU D 86 -15.83 -6.35 -12.18
N PHE D 87 -15.83 -7.62 -11.83
CA PHE D 87 -16.65 -8.60 -12.51
C PHE D 87 -17.94 -8.70 -11.64
N LEU D 88 -19.03 -8.12 -12.15
CA LEU D 88 -20.28 -7.98 -11.35
C LEU D 88 -21.37 -8.84 -12.00
N GLY D 89 -21.04 -10.06 -12.31
CA GLY D 89 -22.07 -11.05 -12.77
C GLY D 89 -22.48 -10.81 -14.20
N ASP D 90 -23.55 -10.08 -14.42
CA ASP D 90 -24.07 -9.80 -15.77
C ASP D 90 -23.38 -8.61 -16.43
N LYS D 91 -22.48 -7.92 -15.70
CA LYS D 91 -21.72 -6.86 -16.38
C LYS D 91 -20.33 -6.71 -15.74
N PHE D 92 -19.46 -6.02 -16.47
CA PHE D 92 -18.15 -5.56 -15.97
C PHE D 92 -18.26 -4.07 -15.75
N LEU D 93 -17.66 -3.58 -14.65
CA LEU D 93 -17.59 -2.14 -14.38
C LEU D 93 -16.11 -1.73 -14.38
N VAL D 94 -15.79 -0.69 -15.11
CA VAL D 94 -14.44 -0.20 -15.17
C VAL D 94 -14.53 1.21 -14.55
N LYS D 95 -13.77 1.39 -13.49
CA LYS D 95 -13.77 2.66 -12.71
C LYS D 95 -12.51 3.39 -13.10
N LEU D 96 -12.68 4.65 -13.56
CA LEU D 96 -11.53 5.47 -14.00
C LEU D 96 -11.16 6.55 -12.95
N PRO D 97 -9.92 7.11 -13.01
CA PRO D 97 -9.40 8.07 -12.02
C PRO D 97 -10.25 9.29 -11.87
N ASP D 98 -10.84 9.75 -12.98
CA ASP D 98 -11.77 10.93 -12.81
C ASP D 98 -13.12 10.63 -12.22
N GLY D 99 -13.33 9.40 -11.76
CA GLY D 99 -14.60 8.98 -11.23
C GLY D 99 -15.59 8.44 -12.29
N HIS D 100 -15.32 8.68 -13.57
CA HIS D 100 -16.22 8.21 -14.64
C HIS D 100 -16.21 6.66 -14.62
N GLU D 101 -17.37 6.05 -14.87
CA GLU D 101 -17.39 4.56 -14.92
C GLU D 101 -17.88 4.16 -16.26
N VAL D 102 -17.43 2.96 -16.67
CA VAL D 102 -17.82 2.43 -17.93
C VAL D 102 -18.37 1.06 -17.57
N GLU D 103 -19.60 0.79 -17.97
CA GLU D 103 -20.20 -0.55 -17.72
C GLU D 103 -20.34 -1.26 -19.03
N PHE D 104 -20.06 -2.55 -19.04
CA PHE D 104 -20.19 -3.27 -20.28
C PHE D 104 -20.86 -4.65 -19.98
N PRO D 105 -21.83 -5.06 -20.82
CA PRO D 105 -22.58 -6.30 -20.49
C PRO D 105 -21.74 -7.53 -20.65
N ASN D 106 -21.95 -8.49 -19.77
CA ASN D 106 -21.37 -9.83 -19.97
C ASN D 106 -22.21 -10.58 -21.03
N ARG D 107 -21.99 -10.28 -22.30
CA ARG D 107 -22.85 -10.74 -23.42
C ARG D 107 -22.81 -12.24 -23.62
N HIS D 108 -21.70 -12.86 -23.28
CA HIS D 108 -21.57 -14.28 -23.55
C HIS D 108 -21.75 -15.10 -22.33
N GLY D 109 -22.20 -14.43 -21.28
CA GLY D 109 -22.41 -15.05 -19.99
C GLY D 109 -21.26 -15.81 -19.39
N TYR D 110 -20.01 -15.25 -19.41
CA TYR D 110 -18.90 -15.91 -18.72
C TYR D 110 -19.19 -16.05 -17.26
N ASP D 111 -18.77 -17.16 -16.64
CA ASP D 111 -18.76 -17.26 -15.22
C ASP D 111 -17.32 -17.25 -14.68
N LYS D 112 -16.33 -17.26 -15.56
CA LYS D 112 -14.94 -17.23 -15.06
C LYS D 112 -14.09 -16.62 -16.18
N ILE D 113 -13.13 -15.78 -15.81
CA ILE D 113 -12.27 -15.14 -16.77
C ILE D 113 -10.89 -15.75 -16.46
N SER D 114 -10.28 -16.39 -17.45
CA SER D 114 -8.99 -17.02 -17.21
CA SER D 114 -8.99 -17.02 -17.21
C SER D 114 -7.85 -16.28 -17.92
N TYR D 115 -8.16 -15.37 -18.83
CA TYR D 115 -7.10 -14.80 -19.71
C TYR D 115 -7.15 -13.22 -19.65
N LEU D 116 -5.99 -12.55 -19.64
CA LEU D 116 -5.90 -11.09 -19.64
C LEU D 116 -4.76 -10.78 -20.66
N ASN D 117 -4.95 -9.82 -21.55
CA ASN D 117 -3.77 -9.20 -22.16
C ASN D 117 -3.95 -7.72 -22.17
N ILE D 118 -2.82 -7.05 -22.22
CA ILE D 118 -2.88 -5.59 -22.34
C ILE D 118 -1.99 -5.30 -23.54
N LEU D 119 -2.50 -4.51 -24.46
CA LEU D 119 -1.78 -4.26 -25.75
C LEU D 119 -1.62 -2.76 -25.89
N GLY D 120 -0.67 -2.36 -26.74
CA GLY D 120 -0.59 -0.95 -27.19
C GLY D 120 0.26 -0.11 -26.25
N GLY D 121 -0.05 1.19 -26.18
CA GLY D 121 0.90 2.11 -25.55
C GLY D 121 0.63 2.26 -24.06
N PHE D 122 0.72 1.16 -23.34
CA PHE D 122 0.43 1.14 -21.91
C PHE D 122 1.42 0.17 -21.29
N LYS D 123 2.31 0.65 -20.43
CA LYS D 123 3.24 -0.20 -19.71
C LYS D 123 2.70 -0.43 -18.29
N VAL D 124 2.46 -1.68 -17.93
CA VAL D 124 1.86 -1.96 -16.61
C VAL D 124 2.95 -1.74 -15.57
N THR D 125 2.63 -0.94 -14.55
CA THR D 125 3.57 -0.77 -13.41
C THR D 125 3.04 -1.38 -12.11
N SER D 126 1.75 -1.65 -12.03
CA SER D 126 1.20 -2.24 -10.82
C SER D 126 -0.03 -3.02 -11.24
N PHE D 127 -0.12 -4.31 -10.86
CA PHE D 127 -1.30 -5.13 -11.26
C PHE D 127 -1.65 -5.90 -9.95
N LYS D 128 -2.95 -6.00 -9.70
CA LYS D 128 -3.40 -6.80 -8.54
C LYS D 128 -4.71 -7.44 -8.94
N VAL D 129 -4.89 -8.73 -8.58
CA VAL D 129 -6.15 -9.41 -8.92
C VAL D 129 -6.62 -10.14 -7.64
N GLU D 130 -7.90 -10.01 -7.35
CA GLU D 130 -8.39 -10.73 -6.19
C GLU D 130 -9.81 -11.09 -6.48
N ALA E 1 3.17 -24.73 -17.45
CA ALA E 1 2.81 -23.84 -18.60
C ALA E 1 3.23 -22.37 -18.31
N ARG E 2 3.17 -21.51 -19.35
CA ARG E 2 3.29 -20.06 -19.18
CA ARG E 2 3.32 -20.06 -19.16
C ARG E 2 2.16 -19.51 -18.35
N MET E 3 2.48 -18.89 -17.22
CA MET E 3 1.44 -18.29 -16.44
C MET E 3 1.35 -16.80 -16.78
N PHE E 4 2.47 -16.17 -17.11
CA PHE E 4 2.50 -14.70 -17.01
C PHE E 4 3.65 -14.31 -17.92
N GLU E 5 3.48 -13.32 -18.78
CA GLU E 5 4.55 -13.01 -19.75
C GLU E 5 4.46 -11.50 -19.97
N MET E 6 5.58 -10.77 -19.90
CA MET E 6 5.53 -9.37 -20.22
C MET E 6 6.66 -9.08 -21.20
N PHE E 7 6.37 -8.18 -22.13
CA PHE E 7 7.29 -7.76 -23.13
C PHE E 7 7.54 -6.26 -22.99
N ASN E 8 8.63 -5.80 -23.58
CA ASN E 8 8.89 -4.34 -23.51
C ASN E 8 8.91 -3.78 -22.11
N LEU E 9 9.45 -4.56 -21.16
CA LEU E 9 9.50 -4.17 -19.75
C LEU E 9 10.37 -2.91 -19.47
N ASP E 10 11.40 -2.64 -20.29
CA ASP E 10 12.29 -1.48 -20.08
C ASP E 10 12.84 -1.38 -18.64
N TRP E 11 13.29 -2.51 -18.09
CA TRP E 11 13.71 -2.52 -16.67
C TRP E 11 15.22 -2.26 -16.58
N LYS E 12 15.62 -1.30 -15.75
CA LYS E 12 17.03 -0.88 -15.79
C LYS E 12 17.66 -0.98 -14.43
N SER E 13 18.99 -0.78 -14.33
CA SER E 13 19.62 -0.77 -13.02
C SER E 13 18.99 0.19 -12.08
N GLY E 14 18.86 -0.27 -10.84
CA GLY E 14 18.26 0.46 -9.73
C GLY E 14 16.80 0.06 -9.63
N GLY E 15 16.35 -0.77 -10.57
CA GLY E 15 14.90 -1.09 -10.63
C GLY E 15 14.55 -2.17 -9.64
N THR E 16 13.29 -2.25 -9.27
CA THR E 16 12.87 -3.19 -8.26
C THR E 16 11.59 -3.81 -8.82
N MET E 17 11.39 -5.11 -8.64
CA MET E 17 10.16 -5.75 -9.09
C MET E 17 9.63 -6.56 -7.91
N LYS E 18 8.32 -6.51 -7.65
CA LYS E 18 7.73 -7.23 -6.53
C LYS E 18 6.74 -8.19 -7.17
N ILE E 19 6.92 -9.49 -6.93
CA ILE E 19 6.04 -10.53 -7.56
C ILE E 19 5.44 -11.28 -6.37
N LYS E 20 4.14 -11.17 -6.21
CA LYS E 20 3.48 -11.89 -5.13
C LYS E 20 2.51 -12.85 -5.78
N GLY E 21 2.37 -14.08 -5.24
CA GLY E 21 1.44 -14.98 -5.92
C GLY E 21 1.25 -16.25 -5.09
N HIS E 22 0.43 -17.15 -5.62
CA HIS E 22 0.00 -18.36 -4.86
C HIS E 22 0.73 -19.52 -5.47
N ILE E 23 1.48 -20.22 -4.63
CA ILE E 23 2.14 -21.52 -5.00
C ILE E 23 1.10 -22.63 -4.94
N SER E 24 0.85 -23.26 -6.08
CA SER E 24 -0.28 -24.19 -6.09
C SER E 24 0.03 -25.36 -5.13
N GLU E 25 -1.02 -25.92 -4.54
CA GLU E 25 -0.89 -27.01 -3.56
C GLU E 25 -0.17 -28.26 -4.17
N ASP E 26 -0.23 -28.37 -5.49
CA ASP E 26 0.36 -29.47 -6.26
C ASP E 26 1.70 -29.19 -6.94
N ALA E 27 2.26 -28.01 -6.76
CA ALA E 27 3.40 -27.53 -7.56
C ALA E 27 4.65 -28.39 -7.47
N GLU E 28 5.21 -28.75 -8.62
CA GLU E 28 6.54 -29.38 -8.61
C GLU E 28 7.62 -28.29 -8.56
N SER E 29 7.37 -27.15 -9.19
CA SER E 29 8.32 -26.08 -9.09
C SER E 29 7.69 -24.89 -9.80
N PHE E 30 8.36 -23.74 -9.79
CA PHE E 30 7.97 -22.65 -10.67
C PHE E 30 9.26 -21.95 -11.05
N ALA E 31 9.19 -21.06 -12.04
CA ALA E 31 10.39 -20.30 -12.44
C ALA E 31 9.98 -18.87 -12.76
N ILE E 32 10.81 -17.90 -12.33
CA ILE E 32 10.73 -16.54 -12.80
C ILE E 32 11.92 -16.34 -13.74
N ASN E 33 11.63 -15.99 -14.98
CA ASN E 33 12.67 -15.78 -16.01
C ASN E 33 12.69 -14.32 -16.47
N LEU E 34 13.87 -13.69 -16.50
CA LEU E 34 14.00 -12.31 -16.89
C LEU E 34 15.13 -12.28 -17.93
N GLY E 35 14.92 -11.55 -19.00
CA GLY E 35 16.03 -11.42 -19.96
C GLY E 35 15.61 -10.49 -21.07
N CYS E 36 16.09 -10.75 -22.27
CA CYS E 36 15.64 -9.93 -23.36
C CYS E 36 14.69 -10.68 -24.26
N LYS E 37 14.63 -12.00 -24.14
CA LYS E 37 13.60 -12.80 -24.83
C LYS E 37 13.59 -14.22 -24.26
N SER E 38 12.67 -15.07 -24.70
CA SER E 38 12.56 -16.40 -24.07
C SER E 38 13.85 -17.25 -24.12
N SER E 39 14.69 -17.00 -25.13
CA SER E 39 15.93 -17.80 -25.36
C SER E 39 17.20 -17.21 -24.71
N ASP E 40 17.08 -15.96 -24.21
CA ASP E 40 18.19 -15.27 -23.57
C ASP E 40 17.74 -14.61 -22.29
N LEU E 41 18.07 -15.29 -21.20
CA LEU E 41 17.70 -14.91 -19.85
C LEU E 41 18.91 -14.43 -19.03
N ALA E 42 18.81 -13.24 -18.49
CA ALA E 42 19.74 -12.83 -17.47
C ALA E 42 19.57 -13.65 -16.17
N LEU E 43 18.33 -14.08 -15.88
CA LEU E 43 18.02 -14.70 -14.60
C LEU E 43 16.90 -15.73 -14.79
N HIS E 44 17.19 -16.98 -14.43
CA HIS E 44 16.19 -18.00 -14.31
C HIS E 44 16.27 -18.37 -12.84
N PHE E 45 15.16 -18.20 -12.11
CA PHE E 45 15.14 -18.34 -10.62
C PHE E 45 14.10 -19.42 -10.48
N ASN E 46 14.49 -20.62 -10.02
CA ASN E 46 13.66 -21.76 -10.20
C ASN E 46 13.61 -22.51 -8.85
N PRO E 47 12.67 -22.15 -7.93
CA PRO E 47 12.51 -23.04 -6.75
C PRO E 47 11.95 -24.39 -7.12
N ARG E 48 12.60 -25.45 -6.64
CA ARG E 48 12.20 -26.80 -7.01
C ARG E 48 11.79 -27.55 -5.74
N PHE E 49 10.54 -28.00 -5.69
CA PHE E 49 10.07 -28.60 -4.42
C PHE E 49 10.64 -30.01 -4.17
N ASN E 50 10.58 -30.84 -5.21
CA ASN E 50 11.22 -32.18 -5.26
C ASN E 50 12.67 -32.23 -4.71
N GLU E 51 13.50 -31.23 -5.05
CA GLU E 51 14.90 -31.16 -4.60
C GLU E 51 15.17 -30.24 -3.37
N SER E 52 14.19 -29.43 -2.96
CA SER E 52 14.33 -28.50 -1.82
C SER E 52 15.51 -27.51 -2.00
N VAL E 53 15.69 -27.04 -3.23
CA VAL E 53 16.78 -26.13 -3.53
C VAL E 53 16.25 -25.03 -4.53
N ILE E 54 16.87 -23.87 -4.47
CA ILE E 54 16.62 -22.84 -5.48
C ILE E 54 17.72 -22.97 -6.55
N VAL E 55 17.35 -23.27 -7.78
CA VAL E 55 18.34 -23.23 -8.90
C VAL E 55 18.33 -21.86 -9.58
N CYS E 56 19.48 -21.20 -9.66
CA CYS E 56 19.58 -20.03 -10.51
C CYS E 56 20.48 -20.36 -11.69
N ASN E 57 20.17 -19.74 -12.81
CA ASN E 57 21.05 -19.87 -13.97
C ASN E 57 20.77 -18.76 -14.97
N SER E 58 21.65 -18.63 -15.98
CA SER E 58 21.37 -17.79 -17.13
C SER E 58 21.17 -18.68 -18.37
N LEU E 59 20.52 -18.12 -19.40
CA LEU E 59 20.27 -18.84 -20.65
C LEU E 59 20.84 -17.96 -21.76
N CYS E 60 21.76 -18.48 -22.57
CA CYS E 60 22.30 -17.66 -23.66
C CYS E 60 22.11 -18.47 -24.92
N SER E 61 21.47 -17.91 -25.94
CA SER E 61 21.10 -18.66 -27.17
C SER E 61 20.39 -20.03 -26.95
N ASP E 62 19.48 -20.10 -25.97
CA ASP E 62 18.80 -21.38 -25.63
C ASP E 62 19.72 -22.44 -25.01
N ASN E 63 20.89 -22.02 -24.56
CA ASN E 63 21.72 -22.91 -23.75
C ASN E 63 21.88 -22.44 -22.32
N TRP E 64 21.72 -23.38 -21.40
CA TRP E 64 21.92 -23.11 -19.98
C TRP E 64 23.40 -22.90 -19.73
N GLN E 65 23.73 -22.05 -18.77
CA GLN E 65 25.14 -21.84 -18.47
C GLN E 65 25.38 -22.45 -17.09
N GLN E 66 26.27 -21.84 -16.29
CA GLN E 66 26.63 -22.45 -15.00
C GLN E 66 25.54 -22.18 -13.96
N GLU E 67 24.94 -23.27 -13.48
CA GLU E 67 23.98 -23.27 -12.37
C GLU E 67 24.56 -22.75 -11.07
N GLN E 68 23.72 -22.07 -10.28
CA GLN E 68 24.02 -21.78 -8.89
C GLN E 68 22.83 -22.34 -8.08
N ARG E 69 23.13 -23.07 -7.02
CA ARG E 69 22.10 -23.65 -6.17
C ARG E 69 22.16 -23.00 -4.79
N ASP E 70 20.99 -22.70 -4.24
CA ASP E 70 20.89 -22.21 -2.89
C ASP E 70 19.93 -23.18 -2.19
N LYS E 71 20.42 -23.81 -1.11
CA LYS E 71 19.67 -24.84 -0.40
C LYS E 71 18.73 -24.24 0.66
N HIS E 72 18.85 -22.93 0.91
CA HIS E 72 17.98 -22.19 1.80
C HIS E 72 16.56 -22.10 1.20
N PHE E 73 15.71 -23.03 1.64
CA PHE E 73 14.47 -23.28 0.96
C PHE E 73 13.24 -23.22 1.86
N ASN E 74 12.78 -22.00 2.08
CA ASN E 74 11.61 -21.83 2.93
C ASN E 74 10.37 -21.51 2.11
N PHE E 75 10.13 -22.26 1.04
CA PHE E 75 8.90 -22.18 0.26
C PHE E 75 7.94 -23.30 0.62
N TYR E 76 6.63 -23.01 0.63
CA TYR E 76 5.59 -23.98 0.96
C TYR E 76 4.51 -24.02 -0.07
N LYS E 77 4.15 -25.23 -0.52
CA LYS E 77 3.05 -25.40 -1.48
C LYS E 77 1.73 -24.95 -0.93
N GLY E 78 0.92 -24.24 -1.71
CA GLY E 78 -0.37 -23.72 -1.21
C GLY E 78 -0.33 -22.37 -0.45
N SER E 79 0.83 -21.76 -0.36
CA SER E 79 1.00 -20.50 0.34
C SER E 79 1.02 -19.33 -0.66
N THR E 80 0.86 -18.11 -0.15
CA THR E 80 1.14 -16.95 -0.99
C THR E 80 2.41 -16.32 -0.53
N VAL E 81 3.26 -16.01 -1.49
CA VAL E 81 4.60 -15.50 -1.15
C VAL E 81 4.89 -14.25 -1.97
N LYS E 82 5.62 -13.30 -1.37
CA LYS E 82 6.13 -12.14 -2.06
C LYS E 82 7.63 -12.36 -2.33
N ILE E 83 8.02 -12.22 -3.62
CA ILE E 83 9.43 -12.27 -4.00
C ILE E 83 9.82 -10.89 -4.54
N ILE E 84 10.92 -10.32 -4.05
CA ILE E 84 11.43 -9.05 -4.60
C ILE E 84 12.69 -9.27 -5.43
N VAL E 85 12.72 -8.71 -6.64
CA VAL E 85 13.96 -8.76 -7.47
C VAL E 85 14.48 -7.34 -7.67
N GLU E 86 15.78 -7.15 -7.40
CA GLU E 86 16.45 -5.88 -7.65
C GLU E 86 17.52 -6.04 -8.68
N PHE E 87 17.53 -5.11 -9.60
CA PHE E 87 18.46 -5.11 -10.71
C PHE E 87 19.58 -4.18 -10.17
N LEU E 88 20.64 -4.77 -9.63
CA LEU E 88 21.71 -3.96 -8.99
C LEU E 88 22.99 -3.94 -9.86
N GLY E 89 22.84 -3.46 -11.08
CA GLY E 89 24.01 -3.23 -11.96
C GLY E 89 24.59 -4.52 -12.46
N ASP E 90 25.64 -4.99 -11.78
CA ASP E 90 26.29 -6.25 -12.19
C ASP E 90 25.70 -7.49 -11.50
N LYS E 91 24.66 -7.31 -10.71
CA LYS E 91 23.99 -8.48 -10.15
C LYS E 91 22.50 -8.25 -10.01
N PHE E 92 21.79 -9.37 -9.94
CA PHE E 92 20.37 -9.40 -9.50
C PHE E 92 20.30 -9.88 -8.05
N LEU E 93 19.49 -9.22 -7.23
CA LEU E 93 19.34 -9.69 -5.85
C LEU E 93 17.88 -10.14 -5.76
N VAL E 94 17.64 -11.35 -5.28
CA VAL E 94 16.25 -11.76 -5.04
C VAL E 94 16.06 -11.81 -3.50
N LYS E 95 15.15 -11.01 -2.96
CA LYS E 95 14.87 -11.01 -1.51
C LYS E 95 13.68 -11.93 -1.25
N LEU E 96 13.86 -12.87 -0.33
CA LEU E 96 12.81 -13.86 -0.05
C LEU E 96 12.07 -13.50 1.24
N PRO E 97 10.86 -14.05 1.42
CA PRO E 97 10.05 -13.74 2.63
C PRO E 97 10.83 -13.92 3.96
N ASP E 98 11.64 -14.96 4.08
CA ASP E 98 12.38 -15.24 5.34
C ASP E 98 13.56 -14.29 5.61
N GLY E 99 13.71 -13.26 4.78
CA GLY E 99 14.83 -12.31 4.90
C GLY E 99 16.06 -12.70 4.06
N HIS E 100 16.16 -13.96 3.68
CA HIS E 100 17.31 -14.47 2.88
C HIS E 100 17.37 -13.81 1.50
N GLU E 101 18.60 -13.49 1.06
CA GLU E 101 18.84 -12.88 -0.23
C GLU E 101 19.65 -13.83 -1.08
N VAL E 102 19.30 -13.92 -2.33
CA VAL E 102 19.97 -14.76 -3.26
C VAL E 102 20.54 -13.80 -4.28
N GLU E 103 21.86 -13.84 -4.50
CA GLU E 103 22.47 -12.92 -5.48
C GLU E 103 22.86 -13.73 -6.67
N PHE E 104 22.60 -13.18 -7.85
CA PHE E 104 22.98 -13.85 -9.04
C PHE E 104 23.64 -12.85 -9.96
N PRO E 105 24.80 -13.23 -10.57
CA PRO E 105 25.50 -12.22 -11.36
C PRO E 105 24.78 -11.90 -12.68
N ASN E 106 24.90 -10.64 -13.12
CA ASN E 106 24.44 -10.19 -14.43
C ASN E 106 25.64 -10.48 -15.35
N ARG E 107 25.76 -11.73 -15.79
CA ARG E 107 27.06 -12.18 -16.34
C ARG E 107 27.37 -11.43 -17.62
N HIS E 108 26.32 -11.12 -18.39
CA HIS E 108 26.40 -10.47 -19.73
C HIS E 108 26.27 -8.93 -19.69
N GLY E 109 26.22 -8.38 -18.48
CA GLY E 109 26.03 -6.95 -18.25
C GLY E 109 24.89 -6.35 -19.07
N TYR E 110 23.72 -7.02 -19.05
CA TYR E 110 22.50 -6.42 -19.63
C TYR E 110 22.40 -5.10 -18.99
N ASP E 111 22.07 -4.05 -19.75
CA ASP E 111 21.75 -2.79 -19.07
C ASP E 111 20.21 -2.52 -19.06
N LYS E 112 19.47 -3.41 -19.72
CA LYS E 112 18.02 -3.32 -19.82
C LYS E 112 17.46 -4.75 -19.86
N ILE E 113 16.38 -5.01 -19.12
CA ILE E 113 15.68 -6.32 -19.18
C ILE E 113 14.31 -5.96 -19.79
N SER E 114 13.92 -6.64 -20.88
CA SER E 114 12.72 -6.28 -21.59
C SER E 114 11.64 -7.37 -21.48
N TYR E 115 12.06 -8.55 -21.01
CA TYR E 115 11.23 -9.76 -21.04
C TYR E 115 11.13 -10.46 -19.68
N LEU E 116 9.92 -10.81 -19.29
CA LEU E 116 9.69 -11.54 -17.99
C LEU E 116 8.67 -12.63 -18.35
N ASN E 117 8.94 -13.84 -17.87
CA ASN E 117 7.85 -14.85 -17.82
C ASN E 117 7.86 -15.53 -16.48
N ILE E 118 6.70 -16.07 -16.10
CA ILE E 118 6.67 -16.91 -14.89
C ILE E 118 5.95 -18.19 -15.39
N LEU E 119 6.54 -19.34 -15.00
CA LEU E 119 6.11 -20.66 -15.53
C LEU E 119 5.87 -21.53 -14.33
N GLY E 120 5.02 -22.54 -14.46
CA GLY E 120 4.93 -23.50 -13.37
C GLY E 120 3.82 -23.18 -12.38
N GLY E 121 3.98 -23.65 -11.16
CA GLY E 121 2.87 -23.68 -10.24
C GLY E 121 2.94 -22.43 -9.37
N PHE E 122 2.85 -21.29 -10.05
CA PHE E 122 2.83 -19.99 -9.35
C PHE E 122 1.77 -19.12 -10.02
N LYS E 123 0.77 -18.67 -9.28
CA LYS E 123 -0.23 -17.82 -9.90
C LYS E 123 -0.08 -16.41 -9.38
N VAL E 124 0.30 -15.47 -10.23
CA VAL E 124 0.61 -14.10 -9.69
C VAL E 124 -0.68 -13.48 -9.22
N THR E 125 -0.59 -12.83 -8.08
CA THR E 125 -1.73 -12.07 -7.61
C THR E 125 -1.44 -10.59 -7.49
N SER E 126 -0.16 -10.21 -7.46
CA SER E 126 0.20 -8.76 -7.42
C SER E 126 1.53 -8.64 -8.07
N PHE E 127 1.75 -7.62 -8.87
CA PHE E 127 3.06 -7.46 -9.57
C PHE E 127 3.31 -5.93 -9.53
N LYS E 128 4.53 -5.51 -9.20
CA LYS E 128 4.84 -4.08 -9.33
C LYS E 128 6.22 -3.99 -9.89
N VAL E 129 6.43 -3.01 -10.73
CA VAL E 129 7.77 -2.80 -11.24
C VAL E 129 8.06 -1.31 -11.23
N GLU E 130 9.30 -0.97 -10.87
CA GLU E 130 9.72 0.43 -11.07
C GLU E 130 11.22 0.45 -11.34
N ALA F 1 -4.84 -5.72 29.60
CA ALA F 1 -6.20 -5.90 28.98
C ALA F 1 -6.13 -6.59 27.59
N ARG F 2 -7.21 -7.31 27.22
CA ARG F 2 -7.42 -7.83 25.84
C ARG F 2 -7.67 -6.68 24.86
N MET F 3 -6.85 -6.60 23.83
CA MET F 3 -7.02 -5.49 22.93
C MET F 3 -7.60 -6.04 21.62
N PHE F 4 -7.21 -7.23 21.23
CA PHE F 4 -7.50 -7.65 19.86
C PHE F 4 -7.58 -9.15 19.98
N GLU F 5 -8.59 -9.76 19.37
CA GLU F 5 -8.67 -11.19 19.40
C GLU F 5 -9.23 -11.71 18.07
N MET F 6 -8.63 -12.76 17.50
CA MET F 6 -9.18 -13.35 16.29
C MET F 6 -9.14 -14.84 16.40
N PHE F 7 -10.20 -15.41 15.81
CA PHE F 7 -10.47 -16.83 15.84
C PHE F 7 -10.49 -17.32 14.40
N ASN F 8 -10.45 -18.64 14.21
CA ASN F 8 -10.60 -19.12 12.84
C ASN F 8 -9.58 -18.57 11.82
N LEU F 9 -8.35 -18.28 12.25
CA LEU F 9 -7.30 -17.74 11.33
C LEU F 9 -6.87 -18.66 10.19
N ASP F 10 -6.99 -19.98 10.38
CA ASP F 10 -6.49 -20.93 9.35
C ASP F 10 -5.11 -20.52 8.79
N TRP F 11 -4.18 -20.14 9.65
CA TRP F 11 -2.84 -19.64 9.21
C TRP F 11 -1.82 -20.79 9.10
N LYS F 12 -1.20 -20.95 7.94
CA LYS F 12 -0.34 -22.15 7.68
C LYS F 12 1.09 -21.83 7.26
N SER F 13 1.94 -22.87 7.13
CA SER F 13 3.28 -22.64 6.68
C SER F 13 3.29 -21.87 5.37
N GLY F 14 4.24 -20.94 5.32
CA GLY F 14 4.37 -20.02 4.15
C GLY F 14 3.61 -18.75 4.45
N GLY F 15 2.81 -18.75 5.51
CA GLY F 15 2.00 -17.53 5.84
C GLY F 15 2.79 -16.40 6.44
N THR F 16 2.29 -15.16 6.24
CA THR F 16 2.95 -13.99 6.85
C THR F 16 1.86 -13.20 7.53
N MET F 17 2.21 -12.47 8.56
CA MET F 17 1.24 -11.61 9.25
C MET F 17 1.93 -10.33 9.55
N LYS F 18 1.27 -9.24 9.28
CA LYS F 18 1.85 -7.93 9.59
C LYS F 18 0.99 -7.30 10.67
N ILE F 19 1.60 -6.80 11.75
CA ILE F 19 0.85 -6.19 12.81
C ILE F 19 1.50 -4.87 13.08
N LYS F 20 0.79 -3.79 12.81
CA LYS F 20 1.32 -2.46 13.04
C LYS F 20 0.46 -1.86 14.10
N GLY F 21 1.03 -1.03 14.98
CA GLY F 21 0.17 -0.44 15.96
C GLY F 21 0.90 0.55 16.79
N HIS F 22 0.13 1.21 17.63
CA HIS F 22 0.64 2.28 18.48
C HIS F 22 0.92 1.76 19.91
N ILE F 23 2.13 1.94 20.35
CA ILE F 23 2.50 1.55 21.71
C ILE F 23 2.13 2.73 22.64
N SER F 24 1.33 2.47 23.67
CA SER F 24 0.84 3.58 24.52
C SER F 24 2.03 4.35 25.11
N GLU F 25 1.88 5.65 25.27
CA GLU F 25 2.93 6.50 25.87
C GLU F 25 3.32 6.03 27.29
N ASP F 26 2.37 5.42 28.00
CA ASP F 26 2.59 4.90 29.35
C ASP F 26 2.68 3.36 29.38
N ALA F 27 2.85 2.75 28.20
CA ALA F 27 2.93 1.27 28.11
C ALA F 27 4.05 0.72 28.98
N GLU F 28 3.72 -0.27 29.79
CA GLU F 28 4.74 -1.04 30.49
C GLU F 28 5.18 -2.22 29.63
N SER F 29 4.23 -2.76 28.85
CA SER F 29 4.55 -3.87 27.96
C SER F 29 3.40 -4.16 27.01
N PHE F 30 3.64 -5.05 26.06
CA PHE F 30 2.51 -5.62 25.32
C PHE F 30 2.86 -7.01 24.88
N ALA F 31 1.86 -7.74 24.42
CA ALA F 31 2.13 -9.07 23.98
C ALA F 31 1.35 -9.34 22.70
N ILE F 32 2.03 -9.99 21.76
CA ILE F 32 1.38 -10.62 20.61
C ILE F 32 1.39 -12.12 20.85
N ASN F 33 0.20 -12.75 20.83
CA ASN F 33 0.07 -14.17 21.13
C ASN F 33 -0.61 -14.96 20.01
N LEU F 34 0.04 -16.00 19.55
CA LEU F 34 -0.54 -16.78 18.46
C LEU F 34 -0.57 -18.19 18.84
N GLY F 35 -1.65 -18.86 18.46
CA GLY F 35 -1.74 -20.31 18.71
C GLY F 35 -3.03 -20.99 18.32
N CYS F 36 -3.45 -21.92 19.18
CA CYS F 36 -4.70 -22.67 19.03
C CYS F 36 -5.85 -21.99 19.81
N LYS F 37 -5.52 -21.35 20.92
CA LYS F 37 -6.54 -20.74 21.80
C LYS F 37 -5.85 -19.96 22.90
N SER F 38 -6.63 -19.33 23.77
CA SER F 38 -5.99 -18.38 24.69
C SER F 38 -4.99 -19.10 25.59
N SER F 39 -5.27 -20.38 25.83
CA SER F 39 -4.45 -21.20 26.75
C SER F 39 -3.34 -22.02 26.05
N ASP F 40 -3.28 -21.99 24.71
CA ASP F 40 -2.27 -22.77 23.92
C ASP F 40 -1.68 -21.84 22.89
N LEU F 41 -0.50 -21.32 23.19
CA LEU F 41 0.16 -20.34 22.31
C LEU F 41 1.46 -20.97 21.84
N ALA F 42 1.64 -20.94 20.52
CA ALA F 42 2.89 -21.29 19.85
C ALA F 42 3.88 -20.17 20.02
N LEU F 43 3.39 -18.94 20.16
CA LEU F 43 4.29 -17.83 20.26
C LEU F 43 3.67 -16.73 21.06
N HIS F 44 4.37 -16.32 22.10
CA HIS F 44 4.06 -15.16 22.89
C HIS F 44 5.23 -14.19 22.68
N PHE F 45 5.00 -13.11 21.94
CA PHE F 45 6.04 -12.09 21.67
C PHE F 45 5.78 -10.90 22.60
N ASN F 46 6.72 -10.57 23.50
CA ASN F 46 6.38 -9.74 24.65
C ASN F 46 7.48 -8.76 24.96
N PRO F 47 7.40 -7.54 24.35
CA PRO F 47 8.35 -6.46 24.65
C PRO F 47 8.03 -5.84 26.01
N ARG F 48 9.05 -5.70 26.86
CA ARG F 48 8.84 -5.21 28.21
C ARG F 48 9.73 -3.97 28.39
N PHE F 49 9.11 -2.83 28.69
CA PHE F 49 9.82 -1.56 28.83
C PHE F 49 10.51 -1.35 30.16
N ASN F 50 10.01 -2.02 31.21
CA ASN F 50 10.66 -2.06 32.52
C ASN F 50 12.12 -2.52 32.41
N GLU F 51 12.34 -3.52 31.56
CA GLU F 51 13.63 -4.20 31.40
C GLU F 51 14.36 -3.84 30.10
N SER F 52 13.63 -3.41 29.07
CA SER F 52 14.17 -3.36 27.71
C SER F 52 14.64 -4.74 27.17
N VAL F 53 13.82 -5.78 27.33
CA VAL F 53 14.06 -7.06 26.63
C VAL F 53 12.79 -7.43 25.93
N ILE F 54 12.94 -8.24 24.87
CA ILE F 54 11.81 -8.94 24.28
C ILE F 54 11.81 -10.35 24.87
N VAL F 55 10.73 -10.71 25.55
CA VAL F 55 10.51 -12.09 26.01
C VAL F 55 9.63 -12.82 24.99
N CYS F 56 10.16 -13.91 24.46
CA CYS F 56 9.37 -14.88 23.71
C CYS F 56 9.18 -16.15 24.55
N ASN F 57 8.03 -16.77 24.38
CA ASN F 57 7.72 -17.99 25.11
C ASN F 57 6.54 -18.65 24.42
N SER F 58 6.29 -19.92 24.75
CA SER F 58 5.14 -20.63 24.29
C SER F 58 4.27 -20.95 25.55
N LEU F 59 3.00 -21.21 25.33
CA LEU F 59 2.08 -21.49 26.44
C LEU F 59 1.42 -22.83 26.15
N CYS F 60 1.47 -23.73 27.12
CA CYS F 60 1.00 -25.09 26.93
C CYS F 60 -0.02 -25.38 28.04
N SER F 61 -1.30 -25.51 27.67
CA SER F 61 -2.42 -25.58 28.65
C SER F 61 -2.27 -24.65 29.87
N ASP F 62 -2.08 -23.34 29.58
CA ASP F 62 -1.90 -22.24 30.56
C ASP F 62 -0.60 -22.25 31.40
N ASN F 63 0.35 -23.09 31.00
CA ASN F 63 1.69 -23.08 31.56
C ASN F 63 2.75 -22.52 30.60
N TRP F 64 3.52 -21.55 31.10
CA TRP F 64 4.61 -20.93 30.36
C TRP F 64 5.75 -21.91 30.25
N GLN F 65 6.31 -21.99 29.05
CA GLN F 65 7.45 -22.87 28.80
C GLN F 65 8.76 -22.13 29.03
N GLN F 66 9.84 -22.48 28.33
CA GLN F 66 11.11 -21.80 28.63
C GLN F 66 11.20 -20.48 27.85
N GLU F 67 11.38 -19.37 28.56
CA GLU F 67 11.44 -18.08 27.91
C GLU F 67 12.74 -17.86 27.14
N GLN F 68 12.64 -17.35 25.93
CA GLN F 68 13.80 -16.94 25.16
C GLN F 68 13.79 -15.41 25.16
N ARG F 69 14.92 -14.80 25.58
CA ARG F 69 15.04 -13.34 25.76
C ARG F 69 15.97 -12.67 24.77
N ASP F 70 15.50 -11.59 24.18
CA ASP F 70 16.30 -10.83 23.22
C ASP F 70 16.58 -9.42 23.77
N LYS F 71 17.86 -9.10 23.87
CA LYS F 71 18.29 -7.78 24.33
C LYS F 71 18.29 -6.70 23.22
N HIS F 72 18.10 -7.11 21.96
CA HIS F 72 17.90 -6.13 20.88
C HIS F 72 16.53 -5.48 21.00
N PHE F 73 16.52 -4.33 21.70
CA PHE F 73 15.29 -3.64 22.13
C PHE F 73 15.23 -2.23 21.59
N ASN F 74 14.63 -2.16 20.42
CA ASN F 74 14.41 -0.87 19.80
C ASN F 74 12.92 -0.65 19.65
N PHE F 75 12.22 -0.65 20.80
CA PHE F 75 10.83 -0.23 20.94
C PHE F 75 10.77 0.97 21.83
N TYR F 76 9.88 1.89 21.50
CA TYR F 76 9.74 3.15 22.22
C TYR F 76 8.26 3.47 22.52
N LYS F 77 8.01 3.95 23.73
CA LYS F 77 6.67 4.32 24.17
C LYS F 77 6.17 5.46 23.31
N GLY F 78 4.89 5.43 22.99
CA GLY F 78 4.28 6.50 22.22
C GLY F 78 4.51 6.40 20.72
N SER F 79 5.10 5.28 20.24
CA SER F 79 5.47 5.20 18.81
C SER F 79 4.57 4.18 18.09
N THR F 80 4.62 4.25 16.77
CA THR F 80 3.92 3.29 15.90
C THR F 80 4.95 2.38 15.33
N VAL F 81 4.75 1.07 15.46
CA VAL F 81 5.74 0.13 15.06
C VAL F 81 5.09 -0.96 14.21
N LYS F 82 5.87 -1.56 13.33
CA LYS F 82 5.34 -2.62 12.44
C LYS F 82 6.09 -3.86 12.79
N ILE F 83 5.37 -4.94 13.07
CA ILE F 83 6.00 -6.22 13.34
C ILE F 83 5.55 -7.24 12.30
N ILE F 84 6.47 -8.02 11.73
CA ILE F 84 6.05 -9.04 10.79
C ILE F 84 6.33 -10.42 11.38
N VAL F 85 5.40 -11.35 11.24
CA VAL F 85 5.60 -12.74 11.69
C VAL F 85 5.43 -13.64 10.51
N GLU F 86 6.37 -14.59 10.35
CA GLU F 86 6.25 -15.55 9.30
C GLU F 86 6.17 -16.95 9.91
N PHE F 87 5.31 -17.80 9.36
CA PHE F 87 5.13 -19.11 9.90
C PHE F 87 6.00 -19.96 8.94
N LEU F 88 7.13 -20.40 9.43
CA LEU F 88 8.04 -21.16 8.57
C LEU F 88 8.22 -22.61 8.99
N GLY F 89 7.14 -23.39 8.95
CA GLY F 89 7.20 -24.81 9.24
C GLY F 89 7.58 -25.07 10.69
N ASP F 90 8.85 -25.37 10.92
CA ASP F 90 9.23 -25.78 12.25
C ASP F 90 9.67 -24.58 13.05
N LYS F 91 9.47 -23.37 12.52
CA LYS F 91 9.86 -22.20 13.30
C LYS F 91 8.99 -20.98 12.92
N PHE F 92 8.96 -20.01 13.81
CA PHE F 92 8.38 -18.68 13.48
C PHE F 92 9.50 -17.63 13.43
N LEU F 93 9.44 -16.71 12.46
CA LEU F 93 10.41 -15.64 12.38
C LEU F 93 9.63 -14.34 12.63
N VAL F 94 10.09 -13.49 13.55
CA VAL F 94 9.55 -12.17 13.78
C VAL F 94 10.55 -11.15 13.26
N LYS F 95 10.15 -10.35 12.27
CA LYS F 95 11.03 -9.31 11.72
C LYS F 95 10.71 -7.97 12.35
N LEU F 96 11.73 -7.31 12.95
CA LEU F 96 11.46 -6.05 13.69
C LEU F 96 11.88 -4.81 12.90
N PRO F 97 11.29 -3.64 13.24
CA PRO F 97 11.49 -2.41 12.47
C PRO F 97 12.98 -2.12 12.21
N ASP F 98 13.84 -2.42 13.19
CA ASP F 98 15.30 -2.15 13.13
C ASP F 98 16.09 -3.14 12.25
N GLY F 99 15.38 -4.04 11.59
CA GLY F 99 16.01 -5.06 10.76
C GLY F 99 16.38 -6.33 11.54
N HIS F 100 16.33 -6.27 12.87
CA HIS F 100 16.65 -7.45 13.69
C HIS F 100 15.59 -8.50 13.48
N GLU F 101 15.96 -9.76 13.60
CA GLU F 101 14.95 -10.81 13.45
C GLU F 101 15.05 -11.75 14.66
N VAL F 102 13.92 -12.25 15.13
CA VAL F 102 13.87 -13.18 16.28
C VAL F 102 13.32 -14.46 15.70
N GLU F 103 14.02 -15.55 15.92
CA GLU F 103 13.54 -16.80 15.44
C GLU F 103 13.06 -17.57 16.68
N PHE F 104 11.92 -18.25 16.58
CA PHE F 104 11.37 -18.96 17.74
C PHE F 104 10.85 -20.33 17.29
N PRO F 105 11.30 -21.41 17.99
CA PRO F 105 10.92 -22.75 17.54
C PRO F 105 9.44 -23.00 17.61
N ASN F 106 8.90 -23.78 16.69
CA ASN F 106 7.53 -24.25 16.75
C ASN F 106 7.52 -25.50 17.66
N ARG F 107 7.59 -25.27 18.99
CA ARG F 107 7.86 -26.36 20.01
C ARG F 107 6.82 -27.44 19.91
N HIS F 108 5.57 -27.03 19.71
CA HIS F 108 4.50 -27.99 19.57
C HIS F 108 4.26 -28.63 18.21
N GLY F 109 4.93 -28.20 17.14
CA GLY F 109 4.60 -28.77 15.82
C GLY F 109 3.22 -28.47 15.26
N TYR F 110 2.71 -27.27 15.58
CA TYR F 110 1.45 -26.79 15.01
C TYR F 110 1.64 -26.79 13.50
N ASP F 111 0.68 -27.26 12.73
CA ASP F 111 0.71 -27.02 11.28
C ASP F 111 -0.40 -26.05 10.85
N LYS F 112 -1.15 -25.57 11.82
CA LYS F 112 -2.16 -24.51 11.59
C LYS F 112 -2.25 -23.63 12.83
N ILE F 113 -2.32 -22.30 12.63
CA ILE F 113 -2.47 -21.38 13.72
C ILE F 113 -3.90 -20.82 13.59
N SER F 114 -4.78 -21.06 14.56
CA SER F 114 -6.17 -20.58 14.34
C SER F 114 -6.51 -19.36 15.21
N TYR F 115 -5.65 -19.02 16.15
CA TYR F 115 -5.95 -17.99 17.13
C TYR F 115 -4.86 -16.93 17.28
N LEU F 116 -5.28 -15.67 17.51
CA LEU F 116 -4.38 -14.52 17.77
C LEU F 116 -4.99 -13.63 18.85
N ASN F 117 -4.23 -13.24 19.86
CA ASN F 117 -4.64 -12.11 20.63
C ASN F 117 -3.50 -11.18 20.84
N ILE F 118 -3.80 -9.91 21.13
CA ILE F 118 -2.82 -8.93 21.50
C ILE F 118 -3.34 -8.33 22.79
N LEU F 119 -2.45 -8.15 23.76
CA LEU F 119 -2.74 -7.69 25.11
C LEU F 119 -1.76 -6.59 25.48
N GLY F 120 -2.17 -5.70 26.37
CA GLY F 120 -1.24 -4.70 26.87
C GLY F 120 -1.33 -3.38 26.15
N GLY F 121 -0.25 -2.61 26.20
CA GLY F 121 -0.26 -1.26 25.71
C GLY F 121 0.07 -1.20 24.23
N PHE F 122 -0.71 -1.90 23.40
CA PHE F 122 -0.52 -1.86 21.96
C PHE F 122 -1.91 -1.75 21.34
N LYS F 123 -2.12 -0.69 20.58
CA LYS F 123 -3.37 -0.50 19.92
C LYS F 123 -3.13 -0.85 18.43
N VAL F 124 -3.70 -1.96 17.93
CA VAL F 124 -3.53 -2.27 16.49
C VAL F 124 -4.09 -1.19 15.55
N THR F 125 -3.27 -0.70 14.60
CA THR F 125 -3.75 0.22 13.59
C THR F 125 -3.72 -0.41 12.20
N SER F 126 -2.97 -1.51 11.99
CA SER F 126 -3.03 -2.16 10.65
C SER F 126 -2.74 -3.65 10.88
N PHE F 127 -3.49 -4.55 10.26
CA PHE F 127 -3.27 -5.99 10.46
C PHE F 127 -3.46 -6.60 9.09
N LYS F 128 -2.54 -7.46 8.68
CA LYS F 128 -2.80 -8.22 7.45
C LYS F 128 -2.32 -9.65 7.63
N VAL F 129 -3.05 -10.61 7.04
CA VAL F 129 -2.61 -12.00 7.18
C VAL F 129 -2.79 -12.63 5.84
N GLU F 130 -1.80 -13.42 5.43
CA GLU F 130 -1.97 -14.19 4.17
C GLU F 130 -1.16 -15.45 4.33
#